data_2ZDX
#
_entry.id   2ZDX
#
_cell.length_a   68.083
_cell.length_b   69.081
_cell.length_c   85.627
_cell.angle_alpha   90.00
_cell.angle_beta   99.70
_cell.angle_gamma   90.00
#
_symmetry.space_group_name_H-M   'P 1 21 1'
#
loop_
_entity.id
_entity.type
_entity.pdbx_description
1 polymer 'Pyruvate dehydrogenase kinase isozyme 4'
2 non-polymer 4-[4-(4-methoxyphenyl)-5-methyl-1H-pyrazol-3-yl]benzene-1,3-diol
3 water water
#
_entity_poly.entity_id   1
_entity_poly.type   'polypeptide(L)'
_entity_poly.pdbx_seq_one_letter_code
;GPVPREVEHFSRYSPSPLSMKQLLDFGSENACERTSFAFLRQELPVRLANILKEIDILPTQLVNTSSVQLVKSWYIQSLM
DLVEFHEKSPDDQKALSDFVDTLIKVRNRHHNVVPTMAQGIIEYKDACTVDPVTNQNLQYFLDRFYMNRISTRMLMNQHI
LIFSDSQTGNPSHIGSIDPNCDVVAVVQDAFECSRMLCDQYYLSSPELKLTQVNGKFPDQPIHIVYVPSHLHHMLFELFK
NAMRATVEHQENQPSLTPIEVIVVLGKEDLTIKISDRGGGVPLRIIDRLFSYTYSTAPTPVMDNSRNAPLAGFGYGLPIS
RLYAKYFQGDLNLYSLSGYGTDAIIYLKALSSESIEKLPVFNKSAFKHYQMSSEADDWCIPSREPKNLAKEVAM
;
_entity_poly.pdbx_strand_id   A,B
#
loop_
_chem_comp.id
_chem_comp.type
_chem_comp.name
_chem_comp.formula
P4A non-polymer 4-[4-(4-methoxyphenyl)-5-methyl-1H-pyrazol-3-yl]benzene-1,3-diol 'C17 H16 N2 O3'
#
# COMPACT_ATOMS: atom_id res chain seq x y z
N VAL A 3 -19.23 22.05 -25.18
CA VAL A 3 -17.74 21.89 -25.13
C VAL A 3 -17.02 22.83 -26.11
N PRO A 4 -16.33 23.86 -25.60
CA PRO A 4 -15.64 24.84 -26.46
C PRO A 4 -14.54 24.21 -27.31
N ARG A 5 -14.47 24.61 -28.57
CA ARG A 5 -13.55 24.00 -29.54
C ARG A 5 -12.11 23.93 -29.07
N GLU A 6 -11.69 24.89 -28.26
CA GLU A 6 -10.32 24.90 -27.78
C GLU A 6 -10.05 23.79 -26.75
N VAL A 7 -11.05 23.46 -25.93
CA VAL A 7 -10.83 22.46 -24.89
C VAL A 7 -10.87 21.06 -25.48
N GLU A 8 -11.69 20.86 -26.50
CA GLU A 8 -11.67 19.57 -27.16
C GLU A 8 -10.34 19.40 -27.89
N HIS A 9 -9.84 20.48 -28.47
CA HIS A 9 -8.57 20.44 -29.17
C HIS A 9 -7.39 20.14 -28.24
N PHE A 10 -7.19 20.95 -27.22
CA PHE A 10 -5.97 20.91 -26.42
C PHE A 10 -5.93 19.69 -25.50
N SER A 11 -7.10 19.09 -25.29
CA SER A 11 -7.18 17.82 -24.58
C SER A 11 -6.52 16.75 -25.43
N ARG A 12 -6.70 16.84 -26.74
CA ARG A 12 -6.10 15.89 -27.68
C ARG A 12 -4.58 15.90 -27.61
N TYR A 13 -4.01 16.51 -26.58
CA TYR A 13 -2.59 16.33 -26.30
C TYR A 13 -2.40 15.75 -24.91
N SER A 14 -1.24 15.13 -24.68
CA SER A 14 -0.90 14.61 -23.37
C SER A 14 0.01 15.58 -22.63
N PRO A 15 -0.29 15.82 -21.35
CA PRO A 15 0.58 16.66 -20.52
C PRO A 15 2.04 16.20 -20.57
N SER A 16 2.97 17.14 -20.50
CA SER A 16 4.38 16.80 -20.52
C SER A 16 4.97 17.02 -19.14
N PRO A 17 5.31 15.93 -18.45
CA PRO A 17 5.90 16.04 -17.11
C PRO A 17 7.31 16.62 -17.13
N LEU A 18 7.62 17.39 -16.10
CA LEU A 18 8.92 18.03 -15.99
C LEU A 18 9.55 17.54 -14.70
N SER A 19 10.88 17.53 -14.65
CA SER A 19 11.57 17.23 -13.40
C SER A 19 12.07 18.51 -12.72
N MET A 20 12.42 18.42 -11.44
CA MET A 20 12.85 19.59 -10.68
C MET A 20 14.22 20.03 -11.16
N LYS A 21 14.90 19.14 -11.87
CA LYS A 21 16.17 19.51 -12.49
C LYS A 21 15.83 20.50 -13.61
N GLN A 22 14.91 20.11 -14.48
CA GLN A 22 14.47 20.97 -15.56
C GLN A 22 13.88 22.30 -15.06
N LEU A 23 12.95 22.21 -14.10
CA LEU A 23 12.34 23.39 -13.52
C LEU A 23 13.44 24.32 -12.99
N LEU A 24 14.38 23.73 -12.27
CA LEU A 24 15.57 24.42 -11.77
C LEU A 24 16.24 25.23 -12.89
N ASP A 25 16.26 24.66 -14.08
CA ASP A 25 16.99 25.22 -15.19
C ASP A 25 16.30 26.45 -15.81
N PHE A 26 14.98 26.52 -15.67
CA PHE A 26 14.24 27.65 -16.21
C PHE A 26 14.63 28.92 -15.48
N GLY A 27 15.52 28.77 -14.51
CA GLY A 27 15.82 29.90 -13.64
C GLY A 27 17.28 30.19 -13.41
N SER A 28 18.17 29.41 -14.01
CA SER A 28 19.58 29.59 -13.72
C SER A 28 20.25 30.53 -14.70
N GLU A 29 21.28 30.06 -15.39
CA GLU A 29 21.93 30.88 -16.41
C GLU A 29 20.86 31.32 -17.42
N ASN A 30 19.68 30.73 -17.27
CA ASN A 30 18.59 30.89 -18.23
C ASN A 30 17.84 32.22 -18.05
N ALA A 31 18.30 33.26 -18.75
CA ALA A 31 17.58 34.53 -18.75
C ALA A 31 16.36 34.41 -19.65
N CYS A 32 16.21 33.23 -20.25
CA CYS A 32 15.10 32.94 -21.14
C CYS A 32 13.81 32.53 -20.45
N GLU A 33 13.01 33.52 -20.09
CA GLU A 33 11.59 33.30 -19.89
C GLU A 33 10.96 33.19 -21.26
N ARG A 34 11.76 33.48 -22.28
CA ARG A 34 11.34 33.28 -23.65
C ARG A 34 10.91 31.82 -23.80
N THR A 35 11.62 30.93 -23.13
CA THR A 35 11.35 29.52 -23.26
C THR A 35 10.23 29.08 -22.34
N SER A 36 10.20 29.64 -21.13
CA SER A 36 9.11 29.35 -20.23
C SER A 36 7.77 29.81 -20.81
N PHE A 37 7.79 30.92 -21.52
CA PHE A 37 6.57 31.47 -22.11
C PHE A 37 6.00 30.57 -23.21
N ALA A 38 6.88 29.92 -23.98
CA ALA A 38 6.41 29.12 -25.10
C ALA A 38 5.95 27.76 -24.59
N PHE A 39 6.63 27.28 -23.55
CA PHE A 39 6.21 26.03 -22.91
C PHE A 39 4.84 26.20 -22.30
N LEU A 40 4.73 27.13 -21.35
CA LEU A 40 3.56 27.26 -20.49
C LEU A 40 2.29 27.69 -21.24
N ARG A 41 2.44 28.52 -22.27
CA ARG A 41 1.27 28.93 -23.04
C ARG A 41 0.72 27.75 -23.83
N GLN A 42 1.51 26.68 -23.89
CA GLN A 42 1.07 25.43 -24.48
C GLN A 42 0.64 24.44 -23.39
N GLU A 43 1.50 24.22 -22.40
CA GLU A 43 1.23 23.20 -21.38
C GLU A 43 0.00 23.49 -20.51
N LEU A 44 -0.15 24.74 -20.06
CA LEU A 44 -1.25 25.08 -19.16
C LEU A 44 -2.61 24.80 -19.78
N PRO A 45 -2.84 25.24 -21.02
CA PRO A 45 -4.08 24.89 -21.71
C PRO A 45 -4.33 23.38 -21.83
N VAL A 46 -3.27 22.61 -22.11
CA VAL A 46 -3.40 21.16 -22.24
C VAL A 46 -3.82 20.48 -20.94
N ARG A 47 -3.18 20.86 -19.85
CA ARG A 47 -3.52 20.27 -18.57
C ARG A 47 -4.92 20.68 -18.18
N LEU A 48 -5.26 21.96 -18.33
CA LEU A 48 -6.60 22.40 -17.99
C LEU A 48 -7.63 21.72 -18.86
N ALA A 49 -7.26 21.47 -20.11
CA ALA A 49 -8.21 20.93 -21.07
C ALA A 49 -8.42 19.46 -20.78
N ASN A 50 -7.34 18.78 -20.45
CA ASN A 50 -7.43 17.39 -20.06
C ASN A 50 -8.35 17.19 -18.88
N ILE A 51 -8.26 18.05 -17.87
CA ILE A 51 -9.05 17.84 -16.68
C ILE A 51 -10.49 18.32 -16.85
N LEU A 52 -10.70 19.27 -17.77
CA LEU A 52 -12.05 19.74 -18.07
C LEU A 52 -12.82 18.61 -18.71
N LYS A 53 -12.11 17.83 -19.54
CA LYS A 53 -12.70 16.71 -20.28
C LYS A 53 -13.10 15.59 -19.33
N GLU A 54 -12.30 15.38 -18.29
CA GLU A 54 -12.55 14.31 -17.32
C GLU A 54 -13.66 14.75 -16.38
N ILE A 55 -13.94 16.04 -16.32
CA ILE A 55 -15.09 16.51 -15.55
C ILE A 55 -16.42 16.17 -16.23
N ASP A 56 -16.41 16.06 -17.56
CA ASP A 56 -17.65 15.79 -18.29
C ASP A 56 -18.17 14.38 -18.07
N ILE A 57 -17.30 13.52 -17.57
CA ILE A 57 -17.68 12.14 -17.29
C ILE A 57 -18.20 11.98 -15.86
N LEU A 58 -17.84 12.89 -14.98
CA LEU A 58 -18.44 12.92 -13.66
C LEU A 58 -19.95 12.74 -13.81
N PRO A 59 -20.60 12.19 -12.78
CA PRO A 59 -22.03 11.86 -12.87
C PRO A 59 -22.89 13.08 -13.14
N THR A 60 -24.04 12.86 -13.79
CA THR A 60 -24.92 13.95 -14.20
C THR A 60 -25.15 14.95 -13.08
N GLN A 61 -25.60 14.45 -11.93
CA GLN A 61 -26.00 15.30 -10.82
C GLN A 61 -24.81 16.14 -10.30
N LEU A 62 -23.59 15.68 -10.58
CA LEU A 62 -22.37 16.30 -10.04
C LEU A 62 -21.87 17.47 -10.88
N VAL A 63 -21.73 17.25 -12.18
CA VAL A 63 -21.29 18.33 -13.07
C VAL A 63 -22.25 19.51 -13.03
N ASN A 64 -23.51 19.23 -12.72
CA ASN A 64 -24.52 20.28 -12.70
C ASN A 64 -24.73 20.91 -11.34
N THR A 65 -23.80 20.67 -10.43
CA THR A 65 -23.79 21.42 -9.19
C THR A 65 -23.30 22.83 -9.47
N SER A 66 -23.87 23.78 -8.75
CA SER A 66 -23.45 25.17 -8.79
C SER A 66 -21.93 25.24 -8.73
N SER A 67 -21.35 24.41 -7.90
CA SER A 67 -19.97 24.56 -7.52
C SER A 67 -19.05 24.05 -8.63
N VAL A 68 -19.38 22.88 -9.18
CA VAL A 68 -18.60 22.33 -10.30
C VAL A 68 -18.71 23.22 -11.52
N GLN A 69 -19.90 23.77 -11.76
CA GLN A 69 -20.13 24.63 -12.91
C GLN A 69 -19.31 25.90 -12.80
N LEU A 70 -19.11 26.36 -11.57
CA LEU A 70 -18.25 27.51 -11.36
C LEU A 70 -16.79 27.13 -11.66
N VAL A 71 -16.36 25.95 -11.21
CA VAL A 71 -15.01 25.48 -11.51
C VAL A 71 -14.82 25.38 -13.02
N LYS A 72 -15.78 24.77 -13.69
CA LYS A 72 -15.72 24.58 -15.13
C LYS A 72 -15.46 25.93 -15.80
N SER A 73 -16.19 26.95 -15.36
CA SER A 73 -16.13 28.22 -16.05
C SER A 73 -14.84 28.98 -15.81
N TRP A 74 -14.24 28.84 -14.63
CA TRP A 74 -12.95 29.47 -14.37
C TRP A 74 -11.86 28.84 -15.22
N TYR A 75 -11.80 27.52 -15.22
CA TYR A 75 -10.77 26.82 -15.99
C TYR A 75 -10.92 27.17 -17.45
N ILE A 76 -12.14 27.04 -17.94
CA ILE A 76 -12.45 27.45 -19.30
C ILE A 76 -12.04 28.90 -19.56
N GLN A 77 -12.12 29.76 -18.54
CA GLN A 77 -11.75 31.16 -18.74
C GLN A 77 -10.23 31.31 -18.84
N SER A 78 -9.50 30.69 -17.91
CA SER A 78 -8.05 30.74 -17.92
C SER A 78 -7.48 30.06 -19.16
N LEU A 79 -8.04 28.90 -19.53
CA LEU A 79 -7.63 28.28 -20.80
C LEU A 79 -7.76 29.32 -21.92
N MET A 80 -8.93 29.94 -22.06
CA MET A 80 -9.12 30.97 -23.08
C MET A 80 -8.03 32.04 -23.00
N ASP A 81 -7.78 32.55 -21.79
CA ASP A 81 -6.86 33.67 -21.60
C ASP A 81 -5.46 33.27 -22.02
N LEU A 82 -5.09 32.03 -21.74
CA LEU A 82 -3.75 31.58 -22.11
C LEU A 82 -3.63 31.32 -23.62
N VAL A 83 -4.72 30.88 -24.25
CA VAL A 83 -4.64 30.57 -25.67
C VAL A 83 -4.38 31.82 -26.50
N GLU A 84 -4.78 32.96 -25.97
CA GLU A 84 -4.59 34.24 -26.66
C GLU A 84 -3.14 34.69 -26.81
N PHE A 85 -2.24 34.11 -26.03
CA PHE A 85 -0.84 34.43 -26.13
C PHE A 85 -0.15 33.59 -27.20
N HIS A 86 -0.94 32.78 -27.89
CA HIS A 86 -0.39 31.89 -28.90
C HIS A 86 0.09 32.62 -30.16
N GLU A 87 -0.47 33.79 -30.42
CA GLU A 87 -0.16 34.52 -31.65
C GLU A 87 1.10 35.35 -31.51
N LYS A 88 1.39 35.81 -30.30
CA LYS A 88 2.51 36.69 -30.06
C LYS A 88 3.82 35.90 -30.15
N SER A 89 4.95 36.60 -30.30
CA SER A 89 6.23 35.92 -30.32
C SER A 89 6.86 35.99 -28.94
N PRO A 90 7.64 34.97 -28.57
CA PRO A 90 8.34 34.93 -27.28
C PRO A 90 9.40 36.01 -27.17
N ASP A 91 9.67 36.67 -28.30
CA ASP A 91 10.61 37.80 -28.32
C ASP A 91 9.94 39.13 -27.95
N ASP A 92 8.61 39.15 -27.97
CA ASP A 92 7.85 40.36 -27.68
C ASP A 92 7.80 40.70 -26.19
N GLN A 93 8.72 41.55 -25.76
CA GLN A 93 8.78 42.02 -24.39
C GLN A 93 7.44 42.38 -23.79
N LYS A 94 6.50 42.81 -24.63
CA LYS A 94 5.18 43.23 -24.17
C LYS A 94 4.34 41.99 -23.90
N ALA A 95 4.60 40.94 -24.68
CA ALA A 95 3.92 39.67 -24.49
C ALA A 95 4.42 39.02 -23.20
N LEU A 96 5.74 38.97 -23.02
CA LEU A 96 6.32 38.35 -21.83
C LEU A 96 5.70 38.91 -20.55
N SER A 97 5.41 40.19 -20.55
CA SER A 97 5.00 40.87 -19.33
C SER A 97 3.51 40.73 -19.08
N ASP A 98 2.73 40.81 -20.15
CA ASP A 98 1.30 40.60 -20.02
C ASP A 98 1.05 39.21 -19.52
N PHE A 99 1.83 38.26 -20.03
CA PHE A 99 1.70 36.87 -19.62
C PHE A 99 1.84 36.73 -18.09
N VAL A 100 2.87 37.36 -17.50
CA VAL A 100 3.04 37.37 -16.05
C VAL A 100 1.78 37.83 -15.33
N ASP A 101 1.21 38.93 -15.82
CA ASP A 101 -0.01 39.48 -15.25
C ASP A 101 -1.20 38.54 -15.43
N THR A 102 -1.28 37.90 -16.59
CA THR A 102 -2.41 37.02 -16.83
C THR A 102 -2.29 35.80 -15.95
N LEU A 103 -1.06 35.30 -15.80
CA LEU A 103 -0.80 34.18 -14.90
C LEU A 103 -1.18 34.54 -13.48
N ILE A 104 -0.74 35.70 -13.00
CA ILE A 104 -1.19 36.21 -11.71
C ILE A 104 -2.71 36.26 -11.67
N LYS A 105 -3.32 36.64 -12.79
CA LYS A 105 -4.77 36.71 -12.85
C LYS A 105 -5.39 35.33 -12.70
N VAL A 106 -4.75 34.32 -13.28
CA VAL A 106 -5.32 32.98 -13.26
C VAL A 106 -5.09 32.31 -11.91
N ARG A 107 -3.90 32.51 -11.33
CA ARG A 107 -3.61 32.06 -9.98
C ARG A 107 -4.70 32.58 -9.03
N ASN A 108 -5.08 33.84 -9.23
CA ASN A 108 -6.13 34.44 -8.43
C ASN A 108 -7.49 33.78 -8.68
N ARG A 109 -7.95 33.82 -9.92
CA ARG A 109 -9.23 33.22 -10.29
C ARG A 109 -9.40 31.82 -9.71
N HIS A 110 -8.32 31.04 -9.72
CA HIS A 110 -8.40 29.66 -9.28
C HIS A 110 -8.28 29.49 -7.77
N HIS A 111 -8.12 30.59 -7.05
CA HIS A 111 -7.82 30.51 -5.63
C HIS A 111 -8.93 29.86 -4.79
N ASN A 112 -10.17 29.97 -5.24
CA ASN A 112 -11.29 29.34 -4.54
C ASN A 112 -11.61 27.94 -5.05
N VAL A 113 -10.75 27.39 -5.91
CA VAL A 113 -11.10 26.17 -6.63
C VAL A 113 -11.25 24.96 -5.75
N VAL A 114 -10.32 24.79 -4.82
CA VAL A 114 -10.27 23.56 -4.05
C VAL A 114 -11.41 23.39 -3.02
N PRO A 115 -11.80 24.47 -2.32
CA PRO A 115 -12.97 24.26 -1.47
C PRO A 115 -14.27 24.16 -2.26
N THR A 116 -14.39 24.96 -3.32
CA THR A 116 -15.58 24.95 -4.16
C THR A 116 -15.87 23.51 -4.59
N MET A 117 -14.82 22.84 -5.07
CA MET A 117 -14.89 21.45 -5.49
C MET A 117 -15.46 20.54 -4.38
N ALA A 118 -15.07 20.80 -3.14
CA ALA A 118 -15.50 19.99 -2.01
C ALA A 118 -17.01 20.06 -1.84
N GLN A 119 -17.52 21.28 -1.73
CA GLN A 119 -18.95 21.51 -1.64
C GLN A 119 -19.62 20.79 -2.81
N GLY A 120 -18.93 20.80 -3.95
CA GLY A 120 -19.48 20.18 -5.14
C GLY A 120 -19.72 18.71 -4.96
N ILE A 121 -18.93 18.08 -4.10
CA ILE A 121 -19.11 16.67 -3.83
C ILE A 121 -19.95 16.46 -2.57
N ILE A 122 -19.72 17.31 -1.56
CA ILE A 122 -20.48 17.23 -0.32
C ILE A 122 -21.99 17.47 -0.55
N GLU A 123 -22.35 17.82 -1.77
CA GLU A 123 -23.75 17.91 -2.16
C GLU A 123 -24.25 16.62 -2.83
N TYR A 124 -23.48 16.15 -3.81
CA TYR A 124 -23.81 14.91 -4.49
C TYR A 124 -23.55 13.72 -3.58
N ASN A 135 -18.66 7.14 -4.64
CA ASN A 135 -17.99 5.92 -4.21
C ASN A 135 -16.49 5.98 -4.48
N GLN A 136 -15.99 4.99 -5.22
CA GLN A 136 -14.56 4.81 -5.41
C GLN A 136 -14.02 5.57 -6.63
N ASN A 137 -14.92 6.00 -7.51
CA ASN A 137 -14.51 6.73 -8.70
C ASN A 137 -14.44 8.23 -8.42
N LEU A 138 -15.23 8.68 -7.45
CA LEU A 138 -15.05 10.01 -6.90
C LEU A 138 -13.59 10.19 -6.47
N GLN A 139 -13.15 9.30 -5.58
CA GLN A 139 -11.79 9.33 -5.04
C GLN A 139 -10.77 9.40 -6.16
N TYR A 140 -10.89 8.50 -7.12
CA TYR A 140 -10.01 8.48 -8.27
C TYR A 140 -10.04 9.86 -8.97
N PHE A 141 -11.21 10.47 -9.08
CA PHE A 141 -11.29 11.76 -9.74
C PHE A 141 -10.72 12.90 -8.89
N LEU A 142 -11.13 12.95 -7.62
CA LEU A 142 -10.61 13.97 -6.73
C LEU A 142 -9.09 13.93 -6.63
N ASP A 143 -8.49 12.74 -6.59
CA ASP A 143 -7.03 12.67 -6.58
C ASP A 143 -6.40 13.26 -7.84
N ARG A 144 -7.02 13.04 -8.99
CA ARG A 144 -6.52 13.52 -10.27
C ARG A 144 -6.79 15.02 -10.41
N PHE A 145 -8.01 15.43 -10.10
CA PHE A 145 -8.36 16.83 -10.18
C PHE A 145 -7.41 17.67 -9.34
N TYR A 146 -7.13 17.21 -8.13
CA TYR A 146 -6.25 17.95 -7.23
C TYR A 146 -4.77 17.90 -7.62
N MET A 147 -4.32 16.77 -8.16
CA MET A 147 -2.94 16.69 -8.63
C MET A 147 -2.80 17.65 -9.79
N ASN A 148 -3.87 17.82 -10.55
CA ASN A 148 -3.85 18.62 -11.74
C ASN A 148 -3.63 20.07 -11.34
N ARG A 149 -4.34 20.48 -10.30
CA ARG A 149 -4.23 21.84 -9.75
C ARG A 149 -2.90 22.08 -9.05
N ILE A 150 -2.38 21.08 -8.34
CA ILE A 150 -1.06 21.18 -7.75
C ILE A 150 -0.03 21.46 -8.83
N SER A 151 -0.12 20.73 -9.94
CA SER A 151 0.88 20.86 -10.98
C SER A 151 0.77 22.20 -11.73
N THR A 152 -0.43 22.72 -11.93
CA THR A 152 -0.54 23.97 -12.65
C THR A 152 -0.21 25.14 -11.73
N ARG A 153 -0.59 25.03 -10.46
CA ARG A 153 -0.27 26.08 -9.50
C ARG A 153 1.23 26.20 -9.42
N MET A 154 1.93 25.07 -9.53
CA MET A 154 3.38 25.04 -9.41
C MET A 154 4.08 25.62 -10.64
N LEU A 155 3.51 25.42 -11.81
CA LEU A 155 4.18 25.89 -13.02
C LEU A 155 4.00 27.39 -13.10
N MET A 156 2.80 27.86 -12.74
CA MET A 156 2.51 29.28 -12.81
C MET A 156 3.29 30.03 -11.74
N ASN A 157 3.26 29.51 -10.51
CA ASN A 157 4.06 30.10 -9.45
C ASN A 157 5.53 30.19 -9.85
N GLN A 158 6.04 29.11 -10.44
CA GLN A 158 7.45 29.01 -10.80
C GLN A 158 7.80 30.14 -11.76
N HIS A 159 7.04 30.24 -12.86
CA HIS A 159 7.17 31.36 -13.77
C HIS A 159 6.97 32.72 -13.11
N ILE A 160 5.98 32.84 -12.23
CA ILE A 160 5.70 34.13 -11.62
C ILE A 160 6.83 34.60 -10.71
N LEU A 161 7.45 33.67 -10.00
CA LEU A 161 8.42 34.04 -8.98
C LEU A 161 9.84 34.23 -9.51
N ILE A 162 10.05 33.94 -10.79
CA ILE A 162 11.37 33.98 -11.40
C ILE A 162 11.47 35.17 -12.35
N PHE A 163 10.32 35.65 -12.82
CA PHE A 163 10.30 36.64 -13.89
C PHE A 163 9.53 37.91 -13.56
N SER A 164 8.47 37.81 -12.76
CA SER A 164 7.70 38.98 -12.42
C SER A 164 8.63 40.01 -11.78
N ASP A 165 8.25 41.28 -11.88
CA ASP A 165 9.02 42.38 -11.31
C ASP A 165 8.95 42.35 -9.79
N SER A 166 7.77 42.03 -9.25
CA SER A 166 7.43 42.35 -7.88
C SER A 166 6.95 41.17 -7.04
N GLN A 167 7.17 39.95 -7.53
CA GLN A 167 7.07 38.77 -6.68
C GLN A 167 8.30 37.92 -6.91
N THR A 168 9.21 37.96 -5.94
CA THR A 168 10.54 37.38 -6.11
C THR A 168 10.71 36.19 -5.19
N GLY A 169 9.65 35.86 -4.47
CA GLY A 169 9.69 34.73 -3.56
C GLY A 169 10.92 34.73 -2.67
N ASN A 170 11.27 33.55 -2.20
CA ASN A 170 12.41 33.39 -1.31
C ASN A 170 13.67 33.46 -2.16
N PRO A 171 14.63 34.31 -1.78
CA PRO A 171 15.84 34.45 -2.61
C PRO A 171 16.76 33.23 -2.70
N SER A 172 16.74 32.39 -1.67
CA SER A 172 17.48 31.11 -1.71
C SER A 172 16.94 30.26 -2.85
N HIS A 173 15.67 30.46 -3.18
CA HIS A 173 14.97 29.54 -4.05
C HIS A 173 15.02 30.00 -5.48
N ILE A 174 14.92 29.05 -6.40
CA ILE A 174 14.67 29.39 -7.79
C ILE A 174 13.19 29.10 -8.00
N GLY A 175 12.42 30.17 -8.07
CA GLY A 175 10.98 30.03 -7.97
C GLY A 175 10.64 29.66 -6.54
N SER A 176 9.99 28.52 -6.37
CA SER A 176 9.71 28.06 -5.03
C SER A 176 10.49 26.78 -4.74
N ILE A 177 11.45 26.46 -5.61
CA ILE A 177 12.31 25.28 -5.44
C ILE A 177 13.58 25.66 -4.70
N ASP A 178 13.83 25.01 -3.57
CA ASP A 178 15.10 25.18 -2.88
C ASP A 178 16.11 24.11 -3.35
N PRO A 179 17.10 24.53 -4.13
CA PRO A 179 18.04 23.56 -4.68
C PRO A 179 18.99 23.00 -3.62
N ASN A 180 18.86 23.52 -2.40
CA ASN A 180 19.70 23.08 -1.28
C ASN A 180 18.86 23.03 -0.01
N CYS A 181 17.74 22.31 -0.06
CA CYS A 181 16.75 22.33 1.01
C CYS A 181 17.19 21.60 2.27
N ASP A 182 17.19 22.33 3.38
CA ASP A 182 17.55 21.80 4.69
C ASP A 182 16.36 21.02 5.25
N VAL A 183 16.26 19.76 4.88
CA VAL A 183 15.12 18.95 5.28
C VAL A 183 14.81 19.02 6.79
N VAL A 184 15.80 18.82 7.66
CA VAL A 184 15.47 18.80 9.08
C VAL A 184 14.95 20.16 9.56
N ALA A 185 15.56 21.24 9.08
CA ALA A 185 15.08 22.61 9.36
C ALA A 185 13.59 22.76 9.05
N VAL A 186 13.18 22.29 7.88
CA VAL A 186 11.76 22.25 7.54
C VAL A 186 10.97 21.40 8.55
N VAL A 187 11.59 20.34 9.07
CA VAL A 187 10.90 19.48 10.04
C VAL A 187 10.72 20.22 11.36
N GLN A 188 11.74 20.95 11.78
CA GLN A 188 11.64 21.72 13.02
C GLN A 188 10.59 22.82 12.90
N ASP A 189 10.62 23.54 11.78
CA ASP A 189 9.67 24.63 11.57
C ASP A 189 8.24 24.10 11.62
N ALA A 190 7.99 23.05 10.83
CA ALA A 190 6.64 22.51 10.67
C ALA A 190 6.16 21.96 12.00
N PHE A 191 7.07 21.34 12.74
CA PHE A 191 6.75 20.86 14.07
C PHE A 191 6.50 22.02 15.01
N GLU A 192 7.46 22.97 15.04
CA GLU A 192 7.34 24.15 15.88
C GLU A 192 6.13 24.99 15.46
N CYS A 193 5.68 24.79 14.24
CA CYS A 193 4.44 25.42 13.74
C CYS A 193 3.20 24.71 14.30
N SER A 194 3.17 23.39 14.17
CA SER A 194 2.09 22.58 14.75
C SER A 194 2.11 22.66 16.27
N ARG A 195 3.30 22.65 16.85
CA ARG A 195 3.42 22.65 18.30
C ARG A 195 2.67 23.81 18.93
N MET A 196 2.63 24.94 18.23
CA MET A 196 1.99 26.13 18.81
C MET A 196 0.51 26.24 18.47
N LEU A 197 0.07 25.56 17.42
CA LEU A 197 -1.37 25.37 17.20
C LEU A 197 -1.97 24.55 18.34
N CYS A 198 -1.27 23.49 18.72
CA CYS A 198 -1.79 22.55 19.71
C CYS A 198 -1.97 23.20 21.08
N ASP A 199 -1.15 24.22 21.36
CA ASP A 199 -1.18 24.93 22.63
C ASP A 199 -2.34 25.92 22.69
N GLN A 200 -3.02 26.10 21.57
CA GLN A 200 -4.22 26.90 21.54
C GLN A 200 -5.32 26.08 22.20
N TYR A 201 -5.11 24.77 22.27
CA TYR A 201 -6.18 23.88 22.70
C TYR A 201 -5.85 23.01 23.92
N TYR A 202 -4.57 22.79 24.18
CA TYR A 202 -4.20 21.92 25.29
C TYR A 202 -3.23 22.58 26.24
N LEU A 203 -3.24 22.12 27.48
CA LEU A 203 -2.32 22.62 28.50
C LEU A 203 -0.88 22.24 28.14
N SER A 204 -0.74 21.23 27.30
CA SER A 204 0.56 20.70 26.94
C SER A 204 0.57 20.20 25.51
N SER A 205 1.77 20.17 24.92
CA SER A 205 1.97 19.63 23.59
C SER A 205 3.16 18.70 23.67
N PRO A 206 3.14 17.62 22.88
CA PRO A 206 4.26 16.68 22.84
C PRO A 206 5.57 17.36 22.44
N GLU A 207 6.68 16.85 22.98
CA GLU A 207 8.00 17.31 22.59
C GLU A 207 8.42 16.62 21.30
N LEU A 208 9.55 17.04 20.74
CA LEU A 208 10.07 16.44 19.52
C LEU A 208 11.41 15.77 19.77
N LYS A 209 11.44 14.45 19.71
CA LYS A 209 12.69 13.71 19.71
C LYS A 209 13.05 13.36 18.28
N LEU A 210 14.14 13.90 17.76
CA LEU A 210 14.44 13.78 16.34
C LEU A 210 15.85 13.24 16.07
N THR A 211 15.95 12.34 15.11
CA THR A 211 17.23 11.74 14.74
C THR A 211 17.42 11.77 13.24
N GLN A 212 18.63 12.07 12.80
CA GLN A 212 18.95 12.00 11.39
C GLN A 212 20.07 11.00 11.11
N VAL A 213 20.11 10.54 9.87
CA VAL A 213 21.12 9.58 9.44
C VAL A 213 21.36 9.90 7.99
N ASN A 214 22.62 10.12 7.64
CA ASN A 214 22.97 10.42 6.26
C ASN A 214 23.62 9.22 5.61
N GLY A 215 22.83 8.49 4.83
CA GLY A 215 23.37 7.35 4.12
C GLY A 215 24.62 7.66 3.32
N LYS A 216 24.51 8.60 2.38
CA LYS A 216 25.63 8.91 1.48
C LYS A 216 26.87 9.26 2.30
N PHE A 217 27.04 10.54 2.61
CA PHE A 217 28.12 10.92 3.52
C PHE A 217 27.63 11.19 4.94
N PRO A 218 27.91 10.25 5.84
CA PRO A 218 27.55 10.24 7.26
C PRO A 218 27.94 11.52 7.97
N ASP A 219 27.23 11.82 9.07
CA ASP A 219 27.53 13.00 9.87
C ASP A 219 27.61 14.30 9.07
N GLN A 220 27.16 14.27 7.82
CA GLN A 220 27.01 15.51 7.07
C GLN A 220 25.54 15.92 6.99
N PRO A 221 25.29 17.23 6.87
CA PRO A 221 23.91 17.74 6.82
C PRO A 221 23.11 17.10 5.72
N ILE A 222 21.80 17.03 5.92
CA ILE A 222 20.93 16.42 4.93
C ILE A 222 20.33 17.51 4.06
N HIS A 223 20.66 17.50 2.77
CA HIS A 223 20.09 18.46 1.83
C HIS A 223 19.67 17.75 0.55
N ILE A 224 18.54 18.16 0.00
CA ILE A 224 18.09 17.67 -1.29
C ILE A 224 17.33 18.77 -2.00
N VAL A 225 17.21 18.66 -3.31
CA VAL A 225 16.38 19.57 -4.05
C VAL A 225 14.94 19.20 -3.76
N TYR A 226 14.18 20.14 -3.20
CA TYR A 226 12.74 19.94 -3.07
C TYR A 226 12.05 21.29 -2.97
N VAL A 227 10.71 21.27 -2.93
CA VAL A 227 9.92 22.49 -2.77
C VAL A 227 9.48 22.60 -1.30
N PRO A 228 10.13 23.47 -0.51
CA PRO A 228 10.00 23.49 0.95
C PRO A 228 8.55 23.57 1.47
N SER A 229 7.69 24.29 0.76
CA SER A 229 6.30 24.45 1.19
C SER A 229 5.47 23.17 1.10
N HIS A 230 5.68 22.39 0.04
CA HIS A 230 4.96 21.14 -0.12
C HIS A 230 5.34 20.20 1.03
N LEU A 231 6.62 20.12 1.33
CA LEU A 231 7.10 19.31 2.45
C LEU A 231 6.46 19.84 3.73
N HIS A 232 6.48 21.15 3.90
CA HIS A 232 5.92 21.76 5.09
C HIS A 232 4.47 21.36 5.26
N HIS A 233 3.73 21.30 4.16
CA HIS A 233 2.31 20.93 4.23
C HIS A 233 2.19 19.51 4.76
N MET A 234 2.90 18.57 4.13
CA MET A 234 2.84 17.18 4.53
C MET A 234 3.15 17.02 6.03
N LEU A 235 4.27 17.59 6.46
CA LEU A 235 4.77 17.38 7.81
C LEU A 235 3.84 17.99 8.87
N PHE A 236 3.43 19.23 8.65
CA PHE A 236 2.51 19.90 9.55
C PHE A 236 1.24 19.08 9.74
N GLU A 237 0.65 18.65 8.63
CA GLU A 237 -0.55 17.83 8.68
C GLU A 237 -0.34 16.57 9.54
N LEU A 238 0.80 15.90 9.35
CA LEU A 238 1.12 14.68 10.08
C LEU A 238 1.56 14.93 11.53
N PHE A 239 2.09 16.12 11.82
CA PHE A 239 2.51 16.45 13.19
C PHE A 239 1.27 16.84 14.01
N LYS A 240 0.39 17.62 13.40
CA LYS A 240 -0.88 17.97 14.01
C LYS A 240 -1.64 16.71 14.40
N ASN A 241 -1.78 15.77 13.46
CA ASN A 241 -2.44 14.49 13.74
C ASN A 241 -1.78 13.75 14.91
N ALA A 242 -0.46 13.61 14.86
CA ALA A 242 0.25 12.99 15.94
C ALA A 242 -0.08 13.68 17.28
N MET A 243 0.09 14.98 17.34
CA MET A 243 -0.14 15.68 18.59
C MET A 243 -1.56 15.47 19.12
N ARG A 244 -2.55 15.73 18.28
CA ARG A 244 -3.93 15.60 18.74
C ARG A 244 -4.15 14.20 19.27
N ALA A 245 -3.53 13.21 18.63
CA ALA A 245 -3.78 11.82 18.99
C ALA A 245 -3.03 11.48 20.26
N THR A 246 -1.87 12.11 20.46
CA THR A 246 -1.11 11.83 21.67
C THR A 246 -1.76 12.48 22.89
N VAL A 247 -2.43 13.60 22.69
CA VAL A 247 -3.02 14.31 23.80
C VAL A 247 -4.38 13.74 24.18
N GLU A 248 -5.14 13.29 23.19
CA GLU A 248 -6.43 12.67 23.47
C GLU A 248 -6.25 11.35 24.22
N HIS A 249 -5.32 10.55 23.75
CA HIS A 249 -5.18 9.18 24.22
C HIS A 249 -4.52 9.12 25.58
N GLN A 250 -3.80 10.17 25.94
CA GLN A 250 -3.11 10.20 27.23
C GLN A 250 -3.63 11.35 28.11
N GLU A 251 -4.93 11.61 28.03
CA GLU A 251 -5.54 12.73 28.75
C GLU A 251 -5.40 12.52 30.24
N ASN A 252 -4.93 11.33 30.61
CA ASN A 252 -4.62 11.04 32.00
C ASN A 252 -3.34 11.75 32.42
N GLN A 253 -2.21 11.15 32.04
CA GLN A 253 -0.96 11.35 32.74
C GLN A 253 -0.48 12.79 32.67
N PRO A 254 0.65 13.09 33.32
CA PRO A 254 1.21 14.45 33.31
C PRO A 254 1.75 14.81 31.93
N SER A 255 3.03 14.57 31.74
CA SER A 255 3.70 14.87 30.49
C SER A 255 3.17 13.93 29.42
N LEU A 256 3.14 14.39 28.17
CA LEU A 256 2.83 13.52 27.06
C LEU A 256 4.06 12.68 26.71
N THR A 257 3.83 11.64 25.90
CA THR A 257 4.92 10.93 25.23
C THR A 257 5.41 11.80 24.10
N PRO A 258 6.73 11.85 23.87
CA PRO A 258 7.23 12.69 22.79
C PRO A 258 6.75 12.12 21.46
N ILE A 259 6.88 12.94 20.42
CA ILE A 259 6.77 12.46 19.05
C ILE A 259 8.16 12.22 18.47
N GLU A 260 8.37 11.04 17.90
CA GLU A 260 9.69 10.65 17.41
C GLU A 260 9.78 10.74 15.89
N VAL A 261 10.75 11.49 15.41
CA VAL A 261 10.94 11.67 13.98
C VAL A 261 12.33 11.26 13.66
N ILE A 262 12.50 10.43 12.63
CA ILE A 262 13.81 10.18 12.08
C ILE A 262 13.84 10.58 10.62
N VAL A 263 14.86 11.36 10.25
CA VAL A 263 15.10 11.72 8.85
C VAL A 263 16.25 10.90 8.30
N VAL A 264 16.05 10.27 7.15
CA VAL A 264 17.07 9.42 6.57
C VAL A 264 17.28 9.73 5.11
N LEU A 265 18.53 9.95 4.73
CA LEU A 265 18.90 10.15 3.34
C LEU A 265 19.70 8.98 2.84
N GLY A 266 19.33 8.45 1.67
CA GLY A 266 20.00 7.27 1.14
C GLY A 266 20.47 7.52 -0.27
N LYS A 267 20.63 6.45 -1.04
CA LYS A 267 21.12 6.58 -2.42
C LYS A 267 20.05 7.24 -3.27
N GLU A 268 18.86 6.66 -3.29
CA GLU A 268 17.76 7.20 -4.09
C GLU A 268 16.70 7.86 -3.24
N ASP A 269 16.68 7.56 -1.94
CA ASP A 269 15.51 7.93 -1.15
C ASP A 269 15.82 8.95 -0.05
N LEU A 270 14.88 9.88 0.15
CA LEU A 270 14.83 10.70 1.35
C LEU A 270 13.58 10.25 2.10
N THR A 271 13.78 9.69 3.30
CA THR A 271 12.69 9.11 4.07
C THR A 271 12.52 9.85 5.39
N ILE A 272 11.26 10.08 5.77
CA ILE A 272 10.94 10.69 7.06
C ILE A 272 9.84 9.88 7.75
N LYS A 273 10.16 9.33 8.91
CA LYS A 273 9.19 8.55 9.67
C LYS A 273 8.81 9.31 10.94
N ILE A 274 7.50 9.55 11.10
CA ILE A 274 6.97 10.24 12.26
C ILE A 274 6.18 9.24 13.11
N SER A 275 6.61 9.05 14.35
CA SER A 275 6.02 8.06 15.26
C SER A 275 5.36 8.76 16.45
N ASP A 276 4.17 8.33 16.81
CA ASP A 276 3.56 8.85 18.00
C ASP A 276 3.07 7.69 18.86
N ARG A 277 2.76 7.99 20.12
CA ARG A 277 2.08 7.02 20.97
C ARG A 277 0.66 7.45 21.26
N GLY A 278 -0.09 7.77 20.20
CA GLY A 278 -1.42 8.34 20.36
C GLY A 278 -2.55 7.34 20.35
N GLY A 279 -2.25 6.07 20.60
CA GLY A 279 -3.32 5.08 20.67
C GLY A 279 -3.62 4.35 19.37
N GLY A 280 -3.33 4.96 18.23
CA GLY A 280 -3.50 4.30 16.94
C GLY A 280 -4.94 4.29 16.44
N VAL A 281 -5.15 3.75 15.23
CA VAL A 281 -6.50 3.52 14.72
C VAL A 281 -6.61 2.14 14.09
N PRO A 282 -7.78 1.51 14.18
CA PRO A 282 -7.94 0.20 13.56
C PRO A 282 -7.67 0.20 12.05
N LEU A 283 -7.09 -0.90 11.57
CA LEU A 283 -6.77 -1.08 10.16
C LEU A 283 -7.97 -0.67 9.32
N ARG A 284 -9.16 -1.00 9.80
CA ARG A 284 -10.37 -0.89 9.01
C ARG A 284 -10.71 0.54 8.60
N ILE A 285 -10.26 1.49 9.42
CA ILE A 285 -10.68 2.89 9.27
C ILE A 285 -9.58 3.73 8.64
N ILE A 286 -8.34 3.23 8.68
CA ILE A 286 -7.24 3.90 7.99
C ILE A 286 -7.64 4.38 6.60
N ASP A 287 -8.17 3.47 5.79
CA ASP A 287 -8.59 3.76 4.41
C ASP A 287 -9.51 4.97 4.31
N ARG A 288 -10.17 5.32 5.40
CA ARG A 288 -11.13 6.43 5.37
C ARG A 288 -10.45 7.78 5.63
N LEU A 289 -9.37 7.74 6.40
CA LEU A 289 -8.60 8.94 6.70
C LEU A 289 -8.08 9.53 5.39
N PHE A 290 -7.88 8.67 4.40
CA PHE A 290 -7.33 9.07 3.10
C PHE A 290 -8.46 9.27 2.11
N SER A 291 -9.67 9.40 2.63
CA SER A 291 -10.85 9.55 1.80
C SER A 291 -11.32 11.00 1.86
N TYR A 292 -11.82 11.51 0.74
CA TYR A 292 -12.36 12.86 0.71
C TYR A 292 -13.80 12.85 1.23
N THR A 293 -14.39 11.66 1.24
CA THR A 293 -15.82 11.49 1.50
C THR A 293 -16.07 10.77 2.83
N PHE A 313 -10.76 14.71 8.95
CA PHE A 313 -11.21 15.86 8.17
C PHE A 313 -10.29 16.08 6.97
N GLY A 314 -10.45 17.23 6.32
CA GLY A 314 -9.56 17.58 5.23
C GLY A 314 -9.60 19.05 4.90
N TYR A 315 -9.11 19.38 3.71
CA TYR A 315 -8.47 18.35 2.89
C TYR A 315 -6.98 18.33 3.18
N GLY A 316 -6.53 17.27 3.87
CA GLY A 316 -5.21 17.29 4.45
C GLY A 316 -4.42 16.05 4.12
N LEU A 317 -4.66 14.98 4.85
CA LEU A 317 -3.99 13.72 4.60
C LEU A 317 -4.09 13.33 3.12
N PRO A 318 -5.30 13.35 2.54
CA PRO A 318 -5.42 13.06 1.10
C PRO A 318 -4.58 14.00 0.25
N ILE A 319 -4.71 15.29 0.49
CA ILE A 319 -3.93 16.25 -0.27
C ILE A 319 -2.45 16.09 -0.01
N SER A 320 -2.06 15.97 1.26
CA SER A 320 -0.63 15.86 1.57
C SER A 320 -0.01 14.65 0.87
N ARG A 321 -0.82 13.63 0.63
CA ARG A 321 -0.33 12.44 -0.05
C ARG A 321 -0.15 12.76 -1.53
N LEU A 322 -1.06 13.55 -2.09
CA LEU A 322 -0.91 13.97 -3.47
C LEU A 322 0.40 14.74 -3.62
N TYR A 323 0.74 15.52 -2.61
CA TYR A 323 1.98 16.30 -2.64
C TYR A 323 3.19 15.39 -2.61
N ALA A 324 3.17 14.38 -1.76
CA ALA A 324 4.28 13.43 -1.71
C ALA A 324 4.41 12.73 -3.04
N LYS A 325 3.29 12.40 -3.66
CA LYS A 325 3.32 11.62 -4.88
C LYS A 325 3.60 12.52 -6.09
N TYR A 326 3.45 13.83 -5.90
CA TYR A 326 3.51 14.74 -7.03
C TYR A 326 4.87 14.68 -7.70
N PHE A 327 5.90 14.34 -6.95
CA PHE A 327 7.22 14.21 -7.53
C PHE A 327 7.82 12.81 -7.35
N GLN A 328 6.97 11.79 -7.49
CA GLN A 328 7.38 10.38 -7.47
C GLN A 328 7.77 9.91 -6.06
N GLY A 329 7.28 10.61 -5.03
CA GLY A 329 7.41 10.09 -3.68
C GLY A 329 6.10 9.48 -3.20
N ASP A 330 5.95 9.39 -1.89
CA ASP A 330 4.70 8.90 -1.33
C ASP A 330 4.58 9.17 0.15
N LEU A 331 3.41 8.87 0.70
CA LEU A 331 3.12 9.07 2.10
C LEU A 331 2.23 7.92 2.53
N ASN A 332 2.66 7.15 3.53
CA ASN A 332 1.85 6.05 4.04
C ASN A 332 1.64 6.13 5.55
N LEU A 333 0.54 5.54 6.00
CA LEU A 333 0.19 5.43 7.41
C LEU A 333 0.24 3.95 7.82
N TYR A 334 0.96 3.66 8.90
CA TYR A 334 1.01 2.32 9.48
C TYR A 334 0.74 2.44 10.97
N SER A 335 -0.47 2.09 11.38
CA SER A 335 -0.88 2.30 12.75
C SER A 335 -0.89 0.98 13.52
N LEU A 336 -0.76 1.07 14.84
CA LEU A 336 -0.89 -0.10 15.69
C LEU A 336 -2.01 0.14 16.68
N SER A 337 -3.19 -0.35 16.34
CA SER A 337 -4.41 -0.02 17.05
C SER A 337 -4.29 -0.44 18.51
N GLY A 338 -4.31 0.53 19.42
CA GLY A 338 -4.06 0.23 20.81
C GLY A 338 -2.74 0.78 21.30
N TYR A 339 -1.91 1.29 20.40
CA TYR A 339 -0.62 1.80 20.83
C TYR A 339 -0.26 3.17 20.24
N GLY A 340 -0.29 3.26 18.92
CA GLY A 340 0.15 4.48 18.26
C GLY A 340 0.40 4.29 16.77
N THR A 341 0.92 5.34 16.14
CA THR A 341 0.98 5.39 14.69
C THR A 341 2.32 5.85 14.16
N ASP A 342 2.76 5.21 13.06
CA ASP A 342 3.90 5.65 12.28
C ASP A 342 3.45 6.30 10.97
N ALA A 343 4.04 7.45 10.65
CA ALA A 343 3.83 8.06 9.35
C ALA A 343 5.17 8.17 8.62
N ILE A 344 5.26 7.63 7.41
CA ILE A 344 6.44 7.81 6.58
C ILE A 344 6.15 8.58 5.31
N ILE A 345 7.02 9.54 5.01
CA ILE A 345 7.06 10.24 3.72
C ILE A 345 8.29 9.78 2.95
N TYR A 346 8.10 9.52 1.66
CA TYR A 346 9.22 9.23 0.75
C TYR A 346 9.37 10.36 -0.27
N LEU A 347 10.55 10.94 -0.35
CA LEU A 347 10.84 11.86 -1.43
C LEU A 347 11.98 11.29 -2.23
N LYS A 348 12.10 11.72 -3.48
CA LYS A 348 13.23 11.36 -4.29
C LYS A 348 14.46 12.17 -3.92
N ALA A 349 15.63 11.52 -3.92
CA ALA A 349 16.86 12.17 -3.50
C ALA A 349 17.55 12.92 -4.63
N LEU A 350 17.29 12.52 -5.87
CA LEU A 350 17.90 13.19 -7.01
C LEU A 350 16.89 13.98 -7.84
N SER A 351 17.19 15.26 -8.06
CA SER A 351 16.45 16.13 -8.96
C SER A 351 15.92 15.46 -10.23
N SER A 352 16.74 14.61 -10.83
CA SER A 352 16.42 14.03 -12.12
C SER A 352 15.27 13.00 -12.08
N GLU A 353 15.06 12.39 -10.92
CA GLU A 353 13.96 11.44 -10.80
C GLU A 353 12.78 12.07 -10.07
N SER A 354 12.94 13.30 -9.62
CA SER A 354 11.80 14.03 -9.11
C SER A 354 11.00 14.55 -10.31
N ILE A 355 10.13 13.69 -10.84
CA ILE A 355 9.40 13.99 -12.06
C ILE A 355 7.91 14.09 -11.75
N GLU A 356 7.25 15.10 -12.31
CA GLU A 356 5.81 15.29 -12.12
C GLU A 356 5.00 14.03 -12.40
N LYS A 357 3.97 13.80 -11.60
CA LYS A 357 3.06 12.68 -11.81
C LYS A 357 1.71 13.26 -12.23
N LEU A 358 1.41 13.20 -13.52
CA LEU A 358 0.27 13.93 -14.07
C LEU A 358 -0.83 13.05 -14.65
N PRO A 359 -2.07 13.31 -14.26
CA PRO A 359 -3.13 12.53 -14.92
C PRO A 359 -3.22 12.95 -16.39
N VAL A 360 -3.69 12.02 -17.21
CA VAL A 360 -3.97 12.29 -18.62
C VAL A 360 -5.36 11.74 -18.91
N PHE A 361 -6.19 12.52 -19.60
CA PHE A 361 -7.48 12.01 -20.01
C PHE A 361 -7.30 11.30 -21.34
N ASN A 362 -7.23 9.97 -21.27
CA ASN A 362 -7.28 9.13 -22.46
C ASN A 362 -8.15 7.91 -22.16
N LYS A 363 -8.17 6.95 -23.08
CA LYS A 363 -9.07 5.81 -22.95
C LYS A 363 -8.68 4.92 -21.77
N SER A 364 -7.39 4.70 -21.58
CA SER A 364 -6.90 3.99 -20.41
C SER A 364 -7.54 4.59 -19.15
N ALA A 365 -7.78 5.90 -19.18
CA ALA A 365 -8.44 6.55 -18.06
C ALA A 365 -9.93 6.42 -18.21
N PHE A 366 -10.40 6.21 -19.44
CA PHE A 366 -11.85 6.21 -19.70
C PHE A 366 -12.49 5.03 -19.01
N LYS A 367 -11.81 3.89 -19.06
CA LYS A 367 -12.39 2.64 -18.55
C LYS A 367 -12.42 2.56 -17.03
N HIS A 368 -11.63 3.40 -16.38
CA HIS A 368 -11.60 3.45 -14.92
C HIS A 368 -12.87 4.08 -14.33
N VAL B 3 -10.89 -32.03 -20.28
CA VAL B 3 -11.15 -31.85 -18.81
C VAL B 3 -12.63 -32.08 -18.52
N PRO B 4 -12.95 -33.10 -17.71
CA PRO B 4 -14.29 -33.71 -17.62
C PRO B 4 -15.43 -32.72 -17.42
N ARG B 5 -16.65 -33.16 -17.68
CA ARG B 5 -17.83 -32.34 -17.45
C ARG B 5 -17.96 -32.08 -15.95
N GLU B 6 -16.84 -32.15 -15.24
CA GLU B 6 -16.83 -31.97 -13.81
C GLU B 6 -16.31 -30.59 -13.42
N VAL B 7 -15.09 -30.29 -13.84
CA VAL B 7 -14.45 -29.07 -13.42
C VAL B 7 -15.29 -27.87 -13.85
N GLU B 8 -16.02 -28.02 -14.96
CA GLU B 8 -16.81 -26.92 -15.50
C GLU B 8 -18.09 -26.72 -14.70
N HIS B 9 -18.67 -27.83 -14.25
CA HIS B 9 -19.88 -27.79 -13.44
C HIS B 9 -19.61 -27.04 -12.13
N PHE B 10 -18.59 -27.47 -11.40
CA PHE B 10 -18.31 -26.89 -10.10
C PHE B 10 -17.66 -25.51 -10.19
N SER B 11 -17.13 -25.19 -11.37
CA SER B 11 -16.73 -23.82 -11.69
C SER B 11 -17.90 -22.85 -11.62
N ARG B 12 -19.07 -23.34 -11.99
CA ARG B 12 -20.28 -22.53 -11.97
C ARG B 12 -20.49 -21.92 -10.60
N TYR B 13 -20.06 -22.63 -9.56
CA TYR B 13 -20.25 -22.18 -8.17
C TYR B 13 -19.06 -21.36 -7.69
N SER B 14 -19.31 -20.48 -6.73
CA SER B 14 -18.23 -19.70 -6.14
C SER B 14 -17.89 -20.18 -4.74
N PRO B 15 -16.62 -20.09 -4.36
CA PRO B 15 -16.14 -20.55 -3.05
C PRO B 15 -16.94 -19.94 -1.92
N SER B 16 -17.18 -20.73 -0.88
CA SER B 16 -17.86 -20.23 0.31
C SER B 16 -16.90 -20.08 1.48
N PRO B 17 -16.48 -18.84 1.76
CA PRO B 17 -15.52 -18.57 2.84
C PRO B 17 -16.05 -18.90 4.21
N LEU B 18 -15.23 -19.56 5.02
CA LEU B 18 -15.55 -19.87 6.40
C LEU B 18 -14.90 -18.82 7.27
N SER B 19 -15.43 -18.64 8.48
CA SER B 19 -14.74 -17.83 9.48
C SER B 19 -14.13 -18.78 10.52
N MET B 20 -13.10 -18.33 11.22
CA MET B 20 -12.47 -19.16 12.24
C MET B 20 -13.42 -19.56 13.36
N LYS B 21 -14.49 -18.77 13.52
CA LYS B 21 -15.56 -19.10 14.45
C LYS B 21 -16.32 -20.31 13.92
N GLN B 22 -16.77 -20.22 12.67
CA GLN B 22 -17.38 -21.37 12.01
C GLN B 22 -16.42 -22.55 11.99
N LEU B 23 -15.18 -22.30 11.60
CA LEU B 23 -14.13 -23.32 11.62
C LEU B 23 -14.14 -23.95 13.01
N LEU B 24 -13.98 -23.10 14.01
CA LEU B 24 -13.91 -23.54 15.39
C LEU B 24 -15.13 -24.39 15.75
N ASP B 25 -16.28 -24.10 15.15
CA ASP B 25 -17.51 -24.84 15.44
C ASP B 25 -17.67 -26.10 14.60
N PHE B 26 -17.15 -26.09 13.38
CA PHE B 26 -17.17 -27.28 12.53
C PHE B 26 -16.41 -28.43 13.17
N GLY B 27 -15.87 -28.18 14.35
CA GLY B 27 -15.19 -29.23 15.10
C GLY B 27 -15.47 -29.10 16.58
N SER B 28 -16.28 -28.11 16.94
CA SER B 28 -16.61 -27.85 18.34
C SER B 28 -17.80 -28.68 18.77
N GLU B 29 -17.79 -29.10 20.02
CA GLU B 29 -18.90 -29.87 20.56
C GLU B 29 -19.20 -31.00 19.59
N ASN B 30 -18.14 -31.52 18.97
CA ASN B 30 -18.23 -32.71 18.13
C ASN B 30 -19.24 -32.49 17.01
N ALA B 31 -19.03 -31.45 16.22
CA ALA B 31 -19.90 -31.17 15.09
C ALA B 31 -19.76 -32.32 14.08
N CYS B 32 -20.60 -33.33 14.25
CA CYS B 32 -20.45 -34.61 13.55
C CYS B 32 -19.77 -34.45 12.18
N GLU B 33 -18.83 -35.33 11.90
CA GLU B 33 -18.12 -35.27 10.64
C GLU B 33 -19.06 -35.29 9.44
N ARG B 34 -20.33 -35.62 9.67
CA ARG B 34 -21.32 -35.60 8.59
C ARG B 34 -21.42 -34.23 7.95
N THR B 35 -21.66 -33.20 8.76
CA THR B 35 -21.75 -31.83 8.28
C THR B 35 -20.49 -31.41 7.52
N SER B 36 -19.33 -31.59 8.16
CA SER B 36 -18.06 -31.27 7.53
C SER B 36 -17.84 -32.08 6.25
N PHE B 37 -18.18 -33.37 6.29
CA PHE B 37 -18.16 -34.21 5.11
C PHE B 37 -19.02 -33.59 4.01
N ALA B 38 -20.23 -33.20 4.38
CA ALA B 38 -21.21 -32.70 3.44
C ALA B 38 -20.72 -31.38 2.84
N PHE B 39 -20.22 -30.51 3.70
CA PHE B 39 -19.78 -29.19 3.25
C PHE B 39 -18.48 -29.24 2.45
N LEU B 40 -17.61 -30.22 2.75
CA LEU B 40 -16.32 -30.31 2.10
C LEU B 40 -16.35 -31.05 0.78
N ARG B 41 -17.27 -32.00 0.66
CA ARG B 41 -17.40 -32.78 -0.57
C ARG B 41 -18.02 -31.92 -1.67
N GLN B 42 -18.72 -30.86 -1.26
CA GLN B 42 -19.14 -29.82 -2.19
C GLN B 42 -17.99 -28.83 -2.41
N GLU B 43 -17.53 -28.22 -1.33
CA GLU B 43 -16.67 -27.04 -1.37
C GLU B 43 -15.35 -27.26 -2.10
N LEU B 44 -14.62 -28.29 -1.69
CA LEU B 44 -13.28 -28.55 -2.22
C LEU B 44 -13.28 -28.70 -3.74
N PRO B 45 -14.24 -29.44 -4.29
CA PRO B 45 -14.36 -29.52 -5.75
C PRO B 45 -14.61 -28.16 -6.41
N VAL B 46 -15.46 -27.34 -5.80
CA VAL B 46 -15.73 -26.01 -6.33
C VAL B 46 -14.45 -25.16 -6.32
N ARG B 47 -13.66 -25.28 -5.26
CA ARG B 47 -12.43 -24.50 -5.18
C ARG B 47 -11.45 -24.99 -6.22
N LEU B 48 -11.32 -26.31 -6.35
CA LEU B 48 -10.44 -26.92 -7.35
C LEU B 48 -10.94 -26.63 -8.75
N ALA B 49 -12.25 -26.81 -8.95
CA ALA B 49 -12.87 -26.50 -10.23
C ALA B 49 -12.56 -25.07 -10.59
N ASN B 50 -12.73 -24.17 -9.61
CA ASN B 50 -12.48 -22.76 -9.80
C ASN B 50 -11.04 -22.42 -10.23
N ILE B 51 -10.06 -22.94 -9.53
CA ILE B 51 -8.68 -22.52 -9.79
C ILE B 51 -8.17 -23.18 -11.06
N LEU B 52 -8.85 -24.25 -11.47
CA LEU B 52 -8.50 -25.03 -12.66
C LEU B 52 -8.86 -24.29 -13.95
N LYS B 53 -9.97 -23.54 -13.90
CA LYS B 53 -10.38 -22.72 -15.03
C LYS B 53 -9.40 -21.57 -15.23
N GLU B 54 -8.92 -21.00 -14.12
CA GLU B 54 -7.86 -20.00 -14.17
C GLU B 54 -6.66 -20.56 -14.92
N ILE B 55 -6.30 -21.81 -14.60
CA ILE B 55 -5.13 -22.44 -15.20
C ILE B 55 -5.23 -22.57 -16.71
N ASP B 56 -6.44 -22.60 -17.25
CA ASP B 56 -6.61 -22.76 -18.69
C ASP B 56 -6.70 -21.42 -19.44
N ILE B 57 -6.26 -20.36 -18.77
CA ILE B 57 -6.08 -19.07 -19.41
C ILE B 57 -4.59 -18.74 -19.50
N LEU B 58 -3.78 -19.43 -18.70
CA LEU B 58 -2.34 -19.23 -18.73
C LEU B 58 -1.88 -19.35 -20.18
N PRO B 59 -0.80 -18.63 -20.54
CA PRO B 59 -0.33 -18.59 -21.92
C PRO B 59 -0.12 -19.97 -22.54
N THR B 60 -0.18 -20.03 -23.87
CA THR B 60 -0.06 -21.28 -24.60
C THR B 60 0.83 -22.32 -23.90
N GLN B 61 2.13 -22.03 -23.82
CA GLN B 61 3.10 -23.04 -23.44
C GLN B 61 3.09 -23.41 -21.96
N LEU B 62 2.91 -22.42 -21.10
CA LEU B 62 2.93 -22.63 -19.65
C LEU B 62 1.93 -23.69 -19.25
N VAL B 63 0.68 -23.52 -19.68
CA VAL B 63 -0.34 -24.53 -19.45
C VAL B 63 -0.01 -25.80 -20.22
N THR B 65 4.09 -27.31 -20.22
CA THR B 65 5.21 -27.19 -19.28
C THR B 65 5.35 -28.44 -18.41
N SER B 66 6.56 -28.67 -17.91
CA SER B 66 6.87 -29.80 -17.03
C SER B 66 6.14 -29.67 -15.70
N SER B 67 5.43 -28.57 -15.55
CA SER B 67 4.90 -28.21 -14.26
C SER B 67 3.37 -28.30 -14.22
N VAL B 68 2.71 -27.25 -14.67
CA VAL B 68 1.26 -27.16 -14.63
C VAL B 68 0.66 -28.41 -15.23
N GLN B 69 1.32 -28.92 -16.27
CA GLN B 69 0.89 -30.15 -16.92
C GLN B 69 0.42 -31.13 -15.86
N LEU B 70 1.17 -31.20 -14.76
CA LEU B 70 0.99 -32.20 -13.71
C LEU B 70 0.08 -31.69 -12.59
N VAL B 71 0.13 -30.39 -12.32
CA VAL B 71 -0.75 -29.79 -11.32
C VAL B 71 -2.20 -30.01 -11.71
N LYS B 72 -2.49 -29.85 -12.99
CA LYS B 72 -3.84 -30.05 -13.53
C LYS B 72 -4.32 -31.47 -13.25
N SER B 73 -3.46 -32.45 -13.50
CA SER B 73 -3.80 -33.85 -13.34
C SER B 73 -4.15 -34.16 -11.90
N TRP B 74 -3.26 -33.77 -10.99
CA TRP B 74 -3.49 -33.98 -9.57
C TRP B 74 -4.83 -33.40 -9.13
N TYR B 75 -5.11 -32.15 -9.53
CA TYR B 75 -6.35 -31.48 -9.16
C TYR B 75 -7.57 -32.17 -9.76
N ILE B 76 -7.46 -32.59 -11.02
CA ILE B 76 -8.59 -33.23 -11.68
C ILE B 76 -8.84 -34.59 -11.08
N GLN B 77 -7.76 -35.33 -10.80
CA GLN B 77 -7.89 -36.59 -10.07
C GLN B 77 -8.51 -36.30 -8.72
N SER B 78 -7.87 -35.41 -7.97
CA SER B 78 -8.34 -35.07 -6.63
C SER B 78 -9.80 -34.68 -6.69
N LEU B 79 -10.16 -33.81 -7.65
CA LEU B 79 -11.53 -33.34 -7.77
C LEU B 79 -12.47 -34.50 -8.05
N MET B 80 -12.06 -35.37 -8.97
CA MET B 80 -12.86 -36.55 -9.30
C MET B 80 -12.92 -37.51 -8.10
N ASP B 81 -11.77 -37.72 -7.44
CA ASP B 81 -11.72 -38.56 -6.24
C ASP B 81 -12.77 -38.11 -5.25
N LEU B 82 -12.88 -36.79 -5.07
CA LEU B 82 -13.80 -36.22 -4.10
C LEU B 82 -15.24 -36.30 -4.56
N VAL B 83 -15.43 -36.43 -5.87
CA VAL B 83 -16.77 -36.50 -6.46
C VAL B 83 -17.56 -37.70 -5.92
N GLU B 84 -16.92 -38.87 -5.95
CA GLU B 84 -17.56 -40.13 -5.59
C GLU B 84 -18.48 -39.94 -4.39
N PHE B 85 -17.95 -39.33 -3.33
CA PHE B 85 -18.68 -39.23 -2.08
C PHE B 85 -19.94 -38.40 -2.21
N HIS B 86 -20.27 -38.02 -3.44
CA HIS B 86 -21.57 -37.42 -3.72
C HIS B 86 -22.63 -38.50 -3.84
N GLU B 87 -22.27 -39.59 -4.52
CA GLU B 87 -23.16 -40.72 -4.70
C GLU B 87 -23.32 -41.47 -3.38
N LYS B 88 -22.40 -41.23 -2.45
CA LYS B 88 -22.49 -41.79 -1.11
C LYS B 88 -23.25 -40.85 -0.18
N SER B 89 -23.87 -41.42 0.85
CA SER B 89 -24.57 -40.62 1.86
C SER B 89 -23.67 -40.39 3.07
N PRO B 90 -23.92 -39.31 3.83
CA PRO B 90 -23.10 -38.97 5.00
C PRO B 90 -23.12 -40.04 6.09
N ASP B 91 -24.11 -40.92 6.03
CA ASP B 91 -24.33 -41.93 7.06
C ASP B 91 -23.47 -43.17 6.85
N ASP B 92 -23.03 -43.39 5.63
CA ASP B 92 -22.14 -44.50 5.33
C ASP B 92 -20.79 -44.25 6.02
N GLN B 93 -20.63 -44.83 7.20
CA GLN B 93 -19.39 -44.73 7.97
C GLN B 93 -18.19 -45.21 7.16
N LYS B 94 -18.35 -46.30 6.43
CA LYS B 94 -17.31 -46.77 5.50
C LYS B 94 -16.87 -45.66 4.55
N ALA B 95 -17.79 -44.74 4.25
CA ALA B 95 -17.51 -43.64 3.34
C ALA B 95 -16.74 -42.53 4.07
N LEU B 96 -17.20 -42.16 5.26
CA LEU B 96 -16.47 -41.18 6.06
C LEU B 96 -15.02 -41.61 6.28
N SER B 97 -14.84 -42.87 6.69
CA SER B 97 -13.51 -43.39 6.94
C SER B 97 -12.66 -43.36 5.68
N ASP B 98 -13.31 -43.42 4.51
CA ASP B 98 -12.60 -43.33 3.24
C ASP B 98 -12.38 -41.87 2.86
N PHE B 99 -13.30 -41.01 3.26
CA PHE B 99 -13.16 -39.58 3.01
C PHE B 99 -11.88 -39.08 3.70
N VAL B 100 -11.63 -39.56 4.91
CA VAL B 100 -10.44 -39.19 5.64
C VAL B 100 -9.20 -39.58 4.83
N ASP B 101 -9.10 -40.85 4.46
CA ASP B 101 -7.91 -41.33 3.77
C ASP B 101 -7.83 -40.64 2.41
N THR B 102 -8.97 -40.58 1.73
CA THR B 102 -9.01 -39.90 0.44
C THR B 102 -8.59 -38.44 0.60
N LEU B 103 -8.78 -37.88 1.79
CA LEU B 103 -8.26 -36.54 2.08
C LEU B 103 -6.78 -36.58 2.44
N ILE B 104 -6.30 -37.72 2.92
CA ILE B 104 -4.89 -37.89 3.23
C ILE B 104 -4.09 -38.12 1.95
N LYS B 105 -4.70 -38.80 0.98
CA LYS B 105 -4.03 -39.05 -0.29
C LYS B 105 -3.89 -37.77 -1.09
N VAL B 106 -5.01 -37.07 -1.27
CA VAL B 106 -4.97 -35.83 -2.06
C VAL B 106 -3.88 -34.93 -1.52
N ARG B 107 -3.83 -34.78 -0.20
CA ARG B 107 -2.79 -33.96 0.41
C ARG B 107 -1.43 -34.37 -0.13
N ASN B 108 -1.02 -35.60 0.18
CA ASN B 108 0.30 -36.07 -0.21
C ASN B 108 0.51 -35.97 -1.72
N ARG B 109 -0.59 -36.06 -2.48
CA ARG B 109 -0.53 -35.80 -3.91
C ARG B 109 -0.18 -34.34 -4.17
N HIS B 110 -0.71 -33.45 -3.32
CA HIS B 110 -0.59 -32.03 -3.55
C HIS B 110 0.62 -31.42 -2.87
N HIS B 111 1.29 -32.18 -2.00
CA HIS B 111 2.45 -31.64 -1.29
C HIS B 111 3.56 -31.27 -2.25
N ASN B 112 3.44 -31.74 -3.48
CA ASN B 112 4.37 -31.36 -4.52
C ASN B 112 3.80 -30.33 -5.49
N VAL B 113 2.64 -29.79 -5.17
CA VAL B 113 2.05 -28.71 -5.96
C VAL B 113 2.99 -27.52 -5.98
N VAL B 114 3.26 -26.98 -4.81
CA VAL B 114 4.04 -25.74 -4.67
C VAL B 114 5.38 -25.82 -5.39
N PRO B 115 6.09 -26.96 -5.30
CA PRO B 115 7.36 -27.09 -6.01
C PRO B 115 7.14 -26.90 -7.50
N THR B 116 6.32 -27.79 -8.04
CA THR B 116 6.07 -27.85 -9.46
C THR B 116 5.68 -26.48 -10.06
N MET B 117 4.64 -25.86 -9.52
CA MET B 117 4.11 -24.65 -10.13
C MET B 117 5.19 -23.60 -10.36
N ALA B 118 6.15 -23.50 -9.45
CA ALA B 118 7.24 -22.52 -9.61
C ALA B 118 8.31 -23.03 -10.57
N GLN B 119 8.21 -24.29 -10.96
CA GLN B 119 9.01 -24.82 -12.06
C GLN B 119 8.55 -24.10 -13.33
N GLY B 120 7.26 -24.25 -13.64
CA GLY B 120 6.70 -23.60 -14.81
C GLY B 120 7.05 -22.13 -14.81
N ILE B 121 6.97 -21.51 -13.64
CA ILE B 121 7.35 -20.11 -13.50
C ILE B 121 8.86 -19.95 -13.71
N GLU B 123 10.32 -24.79 -15.99
CA GLU B 123 10.62 -24.39 -17.35
C GLU B 123 10.37 -22.90 -17.53
N TYR B 124 9.35 -22.55 -18.31
CA TYR B 124 9.04 -21.14 -18.49
C TYR B 124 7.58 -20.83 -18.81
N LYS B 125 7.27 -19.54 -18.80
CA LYS B 125 5.90 -19.05 -18.77
C LYS B 125 5.23 -19.10 -20.14
N ASP B 126 5.11 -17.94 -20.78
CA ASP B 126 4.49 -17.80 -22.09
C ASP B 126 5.46 -18.22 -23.19
N ALA B 127 6.07 -17.23 -23.82
CA ALA B 127 7.30 -17.45 -24.57
C ALA B 127 8.42 -17.45 -23.52
N CYS B 128 9.51 -18.16 -23.80
CA CYS B 128 10.56 -18.32 -22.81
C CYS B 128 11.20 -16.98 -22.47
N THR B 129 10.65 -15.89 -22.99
CA THR B 129 11.00 -14.54 -22.55
C THR B 129 9.72 -13.75 -22.24
N VAL B 130 9.67 -13.15 -21.06
CA VAL B 130 8.40 -12.66 -20.53
C VAL B 130 8.41 -11.20 -20.06
N ASP B 131 7.43 -10.45 -20.54
CA ASP B 131 7.38 -8.99 -20.36
C ASP B 131 6.55 -8.60 -19.15
N PRO B 132 6.59 -7.30 -18.77
CA PRO B 132 5.97 -6.81 -17.52
C PRO B 132 4.49 -7.08 -17.38
N VAL B 133 3.73 -6.83 -18.44
CA VAL B 133 2.29 -6.99 -18.39
C VAL B 133 1.88 -8.46 -18.32
N THR B 134 2.57 -9.30 -19.08
CA THR B 134 2.39 -10.75 -18.97
C THR B 134 2.84 -11.19 -17.58
N ASN B 135 3.94 -10.62 -17.12
CA ASN B 135 4.53 -11.03 -15.86
C ASN B 135 3.66 -10.61 -14.69
N GLN B 136 3.08 -9.42 -14.77
CA GLN B 136 2.19 -8.97 -13.71
C GLN B 136 1.07 -9.99 -13.59
N ASN B 137 0.63 -10.52 -14.71
CA ASN B 137 -0.45 -11.49 -14.71
C ASN B 137 -0.08 -12.77 -13.97
N LEU B 138 1.20 -13.14 -14.06
CA LEU B 138 1.72 -14.29 -13.32
C LEU B 138 1.65 -14.02 -11.82
N GLN B 139 2.10 -12.83 -11.41
CA GLN B 139 1.99 -12.43 -10.02
C GLN B 139 0.53 -12.55 -9.59
N TYR B 140 -0.35 -11.99 -10.40
CA TYR B 140 -1.80 -12.08 -10.19
C TYR B 140 -2.24 -13.53 -10.01
N PHE B 141 -2.00 -14.34 -11.04
CA PHE B 141 -2.42 -15.73 -11.01
C PHE B 141 -1.89 -16.47 -9.80
N LEU B 142 -0.61 -16.25 -9.47
CA LEU B 142 0.06 -16.99 -8.40
C LEU B 142 -0.42 -16.65 -6.97
N ASP B 143 -0.70 -15.39 -6.69
CA ASP B 143 -1.30 -15.07 -5.41
C ASP B 143 -2.58 -15.90 -5.26
N ARG B 144 -3.31 -16.06 -6.35
CA ARG B 144 -4.60 -16.73 -6.28
C ARG B 144 -4.38 -18.23 -6.15
N PHE B 145 -3.43 -18.73 -6.91
CA PHE B 145 -3.19 -20.17 -6.91
C PHE B 145 -2.76 -20.61 -5.51
N TYR B 146 -1.83 -19.87 -4.89
CA TYR B 146 -1.34 -20.26 -3.58
C TYR B 146 -2.37 -20.01 -2.49
N MET B 147 -3.02 -18.84 -2.53
CA MET B 147 -4.12 -18.62 -1.61
C MET B 147 -5.08 -19.81 -1.67
N ASN B 148 -5.41 -20.25 -2.88
CA ASN B 148 -6.32 -21.37 -3.07
C ASN B 148 -5.79 -22.65 -2.43
N ARG B 149 -4.53 -22.95 -2.67
CA ARG B 149 -3.94 -24.13 -2.02
C ARG B 149 -3.99 -23.98 -0.50
N ILE B 150 -3.56 -22.83 -0.01
CA ILE B 150 -3.57 -22.58 1.42
C ILE B 150 -4.96 -22.85 1.99
N SER B 151 -5.98 -22.45 1.23
CA SER B 151 -7.34 -22.58 1.72
C SER B 151 -7.81 -24.02 1.67
N THR B 152 -7.48 -24.75 0.61
CA THR B 152 -7.91 -26.14 0.52
C THR B 152 -7.17 -27.00 1.54
N ARG B 153 -5.86 -26.78 1.66
CA ARG B 153 -5.05 -27.51 2.66
C ARG B 153 -5.61 -27.25 4.05
N MET B 154 -5.89 -25.97 4.34
CA MET B 154 -6.44 -25.61 5.64
C MET B 154 -7.66 -26.48 5.97
N LEU B 155 -8.64 -26.53 5.07
CA LEU B 155 -9.89 -27.23 5.34
C LEU B 155 -9.68 -28.74 5.44
N MET B 156 -8.76 -29.27 4.65
CA MET B 156 -8.46 -30.70 4.71
C MET B 156 -7.78 -31.09 6.01
N ASN B 157 -6.71 -30.39 6.38
CA ASN B 157 -6.12 -30.60 7.70
C ASN B 157 -7.20 -30.63 8.76
N GLN B 158 -8.09 -29.62 8.75
CA GLN B 158 -9.06 -29.48 9.83
C GLN B 158 -9.85 -30.76 9.98
N HIS B 159 -10.27 -31.30 8.84
CA HIS B 159 -11.13 -32.49 8.82
C HIS B 159 -10.31 -33.65 9.36
N ILE B 160 -9.09 -33.77 8.87
CA ILE B 160 -8.23 -34.88 9.27
C ILE B 160 -7.89 -34.80 10.75
N LEU B 161 -7.29 -33.70 11.18
CA LEU B 161 -6.87 -33.57 12.57
C LEU B 161 -8.01 -33.77 13.59
N ILE B 162 -9.25 -33.46 13.19
CA ILE B 162 -10.39 -33.56 14.11
C ILE B 162 -11.25 -34.81 13.93
N PHE B 163 -11.03 -35.56 12.84
CA PHE B 163 -11.87 -36.72 12.58
C PHE B 163 -11.10 -38.02 12.30
N SER B 164 -9.85 -37.91 11.86
CA SER B 164 -9.02 -39.08 11.63
C SER B 164 -8.28 -39.50 12.89
N ASP B 165 -8.33 -40.80 13.21
CA ASP B 165 -7.65 -41.31 14.40
C ASP B 165 -6.38 -42.07 14.06
N GLN B 167 -4.40 -39.37 12.40
CA GLN B 167 -3.53 -38.21 12.56
C GLN B 167 -4.20 -37.13 13.41
N THR B 168 -4.07 -37.26 14.74
CA THR B 168 -4.60 -36.26 15.66
C THR B 168 -3.53 -35.27 16.10
N GLY B 169 -3.79 -33.98 15.91
CA GLY B 169 -2.86 -32.96 16.36
C GLY B 169 -2.93 -32.74 17.86
N ASN B 170 -2.59 -31.52 18.30
CA ASN B 170 -2.66 -31.16 19.70
C ASN B 170 -4.12 -31.16 20.18
N PRO B 171 -4.40 -31.87 21.28
CA PRO B 171 -5.76 -32.09 21.80
C PRO B 171 -6.37 -30.78 22.25
N SER B 172 -5.52 -29.86 22.68
CA SER B 172 -5.98 -28.57 23.18
C SER B 172 -6.46 -27.70 22.02
N HIS B 173 -5.87 -27.90 20.84
CA HIS B 173 -6.24 -27.17 19.63
C HIS B 173 -7.49 -27.77 18.98
N ILE B 174 -8.24 -26.94 18.25
CA ILE B 174 -9.26 -27.44 17.34
C ILE B 174 -8.64 -27.55 15.94
N GLY B 175 -8.17 -28.74 15.59
CA GLY B 175 -7.48 -28.89 14.33
C GLY B 175 -6.10 -28.23 14.33
N SER B 176 -5.93 -27.25 13.44
CA SER B 176 -4.69 -26.50 13.33
C SER B 176 -4.83 -25.15 14.02
N ILE B 177 -5.99 -24.92 14.62
CA ILE B 177 -6.34 -23.63 15.19
C ILE B 177 -6.18 -23.65 16.69
N ASP B 178 -5.52 -22.63 17.24
CA ASP B 178 -5.41 -22.52 18.68
C ASP B 178 -6.34 -21.43 19.18
N PRO B 179 -7.45 -21.82 19.82
CA PRO B 179 -8.44 -20.83 20.26
C PRO B 179 -7.91 -19.93 21.37
N ASN B 180 -6.69 -20.21 21.81
CA ASN B 180 -6.02 -19.37 22.79
C ASN B 180 -4.56 -19.19 22.43
N CYS B 181 -4.32 -18.76 21.19
CA CYS B 181 -2.97 -18.57 20.72
C CYS B 181 -2.25 -17.52 21.54
N ASP B 182 -1.14 -17.92 22.14
CA ASP B 182 -0.23 -17.01 22.82
C ASP B 182 0.66 -16.38 21.75
N VAL B 183 0.23 -15.26 21.20
CA VAL B 183 0.96 -14.59 20.11
C VAL B 183 2.43 -14.36 20.48
N VAL B 184 2.69 -13.87 21.68
CA VAL B 184 4.04 -13.52 22.08
C VAL B 184 4.98 -14.72 22.12
N ALA B 185 4.44 -15.89 22.45
CA ALA B 185 5.24 -17.12 22.50
C ALA B 185 5.54 -17.61 21.10
N VAL B 186 4.60 -17.43 20.19
CA VAL B 186 4.83 -17.74 18.78
C VAL B 186 5.92 -16.86 18.18
N VAL B 187 5.95 -15.59 18.56
CA VAL B 187 7.00 -14.65 18.11
C VAL B 187 8.38 -15.09 18.60
N GLN B 188 8.46 -15.48 19.87
CA GLN B 188 9.73 -15.91 20.47
C GLN B 188 10.28 -17.21 19.85
N ASP B 189 9.41 -18.17 19.57
CA ASP B 189 9.88 -19.41 18.95
C ASP B 189 10.29 -19.16 17.50
N ALA B 190 9.45 -18.41 16.78
CA ALA B 190 9.75 -18.09 15.39
C ALA B 190 11.06 -17.30 15.35
N PHE B 191 11.21 -16.37 16.29
CA PHE B 191 12.48 -15.68 16.44
C PHE B 191 13.60 -16.70 16.63
N GLU B 192 13.43 -17.59 17.62
CA GLU B 192 14.47 -18.53 17.98
C GLU B 192 14.83 -19.48 16.83
N CYS B 193 13.82 -19.93 16.10
CA CYS B 193 14.05 -20.83 14.97
C CYS B 193 14.88 -20.14 13.89
N SER B 194 14.73 -18.82 13.79
CA SER B 194 15.54 -17.99 12.89
C SER B 194 16.94 -17.76 13.45
N ARG B 195 17.03 -17.46 14.74
CA ARG B 195 18.34 -17.30 15.40
C ARG B 195 19.27 -18.48 15.17
N MET B 196 18.74 -19.70 15.32
CA MET B 196 19.53 -20.91 15.11
C MET B 196 19.97 -21.02 13.65
N LEU B 197 19.00 -21.15 12.76
CA LEU B 197 19.29 -21.20 11.33
C LEU B 197 20.25 -20.07 10.99
N CYS B 198 20.03 -18.91 11.61
CA CYS B 198 20.92 -17.77 11.39
C CYS B 198 22.34 -18.12 11.81
N ASP B 199 22.47 -18.83 12.94
CA ASP B 199 23.79 -19.10 13.53
C ASP B 199 24.45 -20.38 13.03
N GLN B 200 23.79 -21.08 12.13
CA GLN B 200 24.39 -22.23 11.46
C GLN B 200 25.23 -21.71 10.30
N TYR B 201 25.14 -20.41 10.04
CA TYR B 201 25.71 -19.83 8.83
C TYR B 201 26.45 -18.53 9.10
N TYR B 202 26.06 -17.84 10.18
CA TYR B 202 26.69 -16.58 10.53
C TYR B 202 27.50 -16.71 11.82
N LEU B 203 28.51 -15.86 11.96
CA LEU B 203 29.38 -15.87 13.13
C LEU B 203 28.57 -15.47 14.37
N SER B 204 27.71 -14.47 14.21
CA SER B 204 26.88 -13.95 15.30
C SER B 204 25.46 -13.58 14.86
N SER B 205 24.54 -13.49 15.81
CA SER B 205 23.14 -13.19 15.53
C SER B 205 22.56 -12.08 16.42
N PRO B 206 21.58 -11.33 15.89
CA PRO B 206 20.91 -10.26 16.65
C PRO B 206 20.13 -10.77 17.86
N GLU B 207 19.89 -9.89 18.84
CA GLU B 207 19.06 -10.21 19.99
C GLU B 207 17.59 -9.84 19.73
N LEU B 208 16.70 -10.34 20.59
CA LEU B 208 15.29 -9.99 20.53
C LEU B 208 14.89 -9.04 21.66
N LYS B 209 14.57 -7.81 21.28
CA LYS B 209 14.11 -6.82 22.25
C LYS B 209 12.60 -6.64 22.06
N LEU B 210 11.82 -7.39 22.82
CA LEU B 210 10.40 -7.48 22.58
C LEU B 210 9.59 -6.68 23.59
N THR B 211 8.57 -5.99 23.10
CA THR B 211 7.71 -5.14 23.92
C THR B 211 6.25 -5.57 23.71
N GLN B 212 5.38 -5.22 24.63
CA GLN B 212 4.05 -5.83 24.69
C GLN B 212 3.00 -4.87 25.21
N VAL B 213 1.91 -4.71 24.46
CA VAL B 213 0.84 -3.83 24.90
C VAL B 213 -0.54 -4.40 24.57
N ASN B 214 -1.30 -4.71 25.62
CA ASN B 214 -2.68 -5.14 25.47
C ASN B 214 -3.59 -3.92 25.56
N GLY B 215 -4.07 -3.45 24.42
CA GLY B 215 -5.01 -2.35 24.42
C GLY B 215 -6.39 -2.82 24.81
N LYS B 216 -6.74 -4.04 24.43
CA LYS B 216 -8.08 -4.56 24.72
C LYS B 216 -8.33 -4.66 26.22
N PHE B 217 -7.49 -5.43 26.91
CA PHE B 217 -7.56 -5.56 28.37
C PHE B 217 -6.15 -5.43 28.93
N PRO B 218 -5.80 -4.25 29.46
CA PRO B 218 -4.43 -3.76 29.68
C PRO B 218 -3.44 -4.72 30.31
N ASP B 219 -3.65 -5.12 31.55
CA ASP B 219 -2.66 -5.92 32.25
C ASP B 219 -2.50 -7.33 31.68
N GLN B 220 -3.42 -7.73 30.80
CA GLN B 220 -3.55 -9.14 30.44
C GLN B 220 -2.71 -9.57 29.26
N PRO B 221 -2.23 -10.81 29.29
CA PRO B 221 -1.43 -11.37 28.20
C PRO B 221 -2.24 -11.44 26.90
N ILE B 222 -1.55 -11.57 25.78
CA ILE B 222 -2.20 -11.50 24.48
C ILE B 222 -2.57 -12.88 23.94
N HIS B 223 -3.87 -13.12 23.79
CA HIS B 223 -4.37 -14.34 23.17
C HIS B 223 -5.46 -13.96 22.18
N ILE B 224 -5.35 -14.44 20.95
CA ILE B 224 -6.47 -14.32 20.01
C ILE B 224 -6.67 -15.67 19.34
N VAL B 225 -7.74 -15.82 18.57
CA VAL B 225 -7.99 -17.06 17.85
C VAL B 225 -7.17 -17.07 16.57
N TYR B 226 -6.32 -18.08 16.39
CA TYR B 226 -5.54 -18.15 15.18
C TYR B 226 -4.81 -19.48 14.99
N VAL B 227 -4.22 -19.66 13.81
CA VAL B 227 -3.51 -20.89 13.47
C VAL B 227 -2.01 -20.71 13.65
N PRO B 228 -1.46 -21.19 14.77
CA PRO B 228 -0.06 -20.92 15.14
C PRO B 228 0.99 -21.12 14.04
N SER B 229 0.84 -22.17 13.24
CA SER B 229 1.83 -22.46 12.22
C SER B 229 1.90 -21.34 11.18
N HIS B 230 0.73 -20.83 10.79
CA HIS B 230 0.64 -19.73 9.85
C HIS B 230 1.37 -18.52 10.40
N LEU B 231 1.07 -18.18 11.64
CA LEU B 231 1.73 -17.10 12.35
C LEU B 231 3.23 -17.31 12.38
N HIS B 232 3.65 -18.55 12.54
CA HIS B 232 5.07 -18.89 12.66
C HIS B 232 5.74 -18.74 11.29
N HIS B 233 5.05 -19.14 10.23
CA HIS B 233 5.58 -19.00 8.88
C HIS B 233 5.83 -17.53 8.52
N MET B 234 4.84 -16.67 8.74
CA MET B 234 5.02 -15.23 8.51
C MET B 234 6.20 -14.66 9.29
N LEU B 235 6.26 -14.98 10.59
CA LEU B 235 7.20 -14.32 11.50
C LEU B 235 8.61 -14.82 11.28
N PHE B 236 8.73 -16.12 11.00
CA PHE B 236 10.04 -16.69 10.73
C PHE B 236 10.69 -15.95 9.60
N GLU B 237 9.95 -15.77 8.51
CA GLU B 237 10.45 -15.17 7.27
C GLU B 237 10.86 -13.70 7.45
N LEU B 238 10.06 -12.96 8.20
CA LEU B 238 10.37 -11.57 8.50
C LEU B 238 11.59 -11.43 9.42
N PHE B 239 11.71 -12.31 10.42
CA PHE B 239 12.90 -12.36 11.27
C PHE B 239 14.12 -12.80 10.45
N LYS B 240 13.93 -13.82 9.62
CA LYS B 240 14.97 -14.33 8.76
C LYS B 240 15.50 -13.22 7.86
N ASN B 241 14.63 -12.31 7.44
CA ASN B 241 15.07 -11.15 6.65
C ASN B 241 15.70 -10.08 7.53
N ALA B 242 15.11 -9.83 8.69
CA ALA B 242 15.61 -8.79 9.58
C ALA B 242 17.03 -9.08 10.07
N MET B 243 17.32 -10.34 10.42
CA MET B 243 18.65 -10.70 10.90
C MET B 243 19.69 -10.63 9.80
N ARG B 244 19.36 -11.15 8.62
CA ARG B 244 20.33 -11.24 7.54
C ARG B 244 20.68 -9.85 7.01
N ALA B 245 19.68 -8.96 7.02
CA ALA B 245 19.92 -7.59 6.58
C ALA B 245 20.79 -6.93 7.63
N THR B 246 20.55 -7.28 8.89
CA THR B 246 21.30 -6.66 9.97
C THR B 246 22.75 -7.12 9.95
N VAL B 247 22.94 -8.43 10.01
CA VAL B 247 24.27 -9.01 10.01
C VAL B 247 25.09 -8.51 8.82
N GLU B 248 24.44 -8.47 7.66
CA GLU B 248 25.11 -8.07 6.42
C GLU B 248 25.50 -6.59 6.48
N HIS B 249 24.57 -5.76 6.92
CA HIS B 249 24.76 -4.31 6.86
C HIS B 249 25.80 -3.84 7.86
N GLN B 250 25.93 -4.56 8.96
CA GLN B 250 26.84 -4.14 10.02
C GLN B 250 28.03 -5.08 10.10
N GLU B 251 28.59 -5.37 8.94
CA GLU B 251 29.87 -6.07 8.83
C GLU B 251 30.97 -5.24 9.50
N ASN B 252 30.74 -3.95 9.62
CA ASN B 252 31.77 -3.00 10.03
C ASN B 252 31.57 -2.53 11.47
N GLN B 253 30.39 -2.82 12.01
CA GLN B 253 29.98 -2.33 13.32
C GLN B 253 30.58 -3.21 14.42
N PRO B 254 30.81 -2.63 15.62
CA PRO B 254 31.27 -3.44 16.75
C PRO B 254 30.37 -4.66 16.96
N SER B 255 29.20 -4.43 17.54
CA SER B 255 28.20 -5.49 17.70
C SER B 255 26.99 -5.23 16.80
N LEU B 256 25.99 -6.09 16.90
CA LEU B 256 24.77 -5.95 16.11
C LEU B 256 23.68 -5.28 16.95
N THR B 257 22.80 -4.52 16.32
CA THR B 257 21.66 -3.94 17.02
C THR B 257 20.56 -4.97 17.15
N PRO B 258 19.81 -4.93 18.25
CA PRO B 258 18.69 -5.83 18.46
C PRO B 258 17.69 -5.65 17.33
N ILE B 259 16.93 -6.71 17.08
CA ILE B 259 15.77 -6.58 16.24
C ILE B 259 14.60 -6.29 17.17
N GLU B 260 13.87 -5.22 16.91
CA GLU B 260 12.84 -4.78 17.83
C GLU B 260 11.47 -5.20 17.34
N VAL B 261 10.70 -5.83 18.21
CA VAL B 261 9.34 -6.15 17.86
C VAL B 261 8.37 -5.71 18.93
N ILE B 262 7.21 -5.22 18.51
CA ILE B 262 6.17 -4.87 19.45
C ILE B 262 4.85 -5.54 19.10
N VAL B 263 4.27 -6.21 20.10
CA VAL B 263 2.98 -6.85 19.96
C VAL B 263 1.92 -6.04 20.67
N VAL B 264 0.87 -5.70 19.92
CA VAL B 264 -0.19 -4.86 20.42
C VAL B 264 -1.50 -5.55 20.05
N LEU B 265 -2.40 -5.71 21.02
CA LEU B 265 -3.76 -6.16 20.73
C LEU B 265 -4.72 -4.98 20.92
N GLY B 266 -5.63 -4.81 19.98
CA GLY B 266 -6.52 -3.66 20.05
C GLY B 266 -7.97 -4.06 20.04
N LYS B 267 -8.85 -3.09 19.81
CA LYS B 267 -10.28 -3.35 19.78
C LYS B 267 -10.61 -4.35 18.68
N GLU B 268 -9.96 -4.18 17.53
CA GLU B 268 -10.26 -4.95 16.31
C GLU B 268 -9.05 -5.68 15.73
N ASP B 269 -7.86 -5.24 16.10
CA ASP B 269 -6.65 -5.64 15.41
C ASP B 269 -5.60 -6.23 16.33
N LEU B 270 -4.96 -7.29 15.87
CA LEU B 270 -3.74 -7.73 16.48
C LEU B 270 -2.65 -7.24 15.55
N THR B 271 -1.75 -6.41 16.06
CA THR B 271 -0.69 -5.82 15.25
C THR B 271 0.70 -6.20 15.74
N ILE B 272 1.56 -6.63 14.82
CA ILE B 272 2.95 -6.97 15.15
C ILE B 272 3.94 -6.23 14.23
N LYS B 273 4.82 -5.45 14.85
CA LYS B 273 5.79 -4.65 14.11
C LYS B 273 7.23 -5.07 14.44
N ILE B 274 7.91 -5.64 13.45
CA ILE B 274 9.31 -6.03 13.58
C ILE B 274 10.16 -5.01 12.81
N SER B 275 11.13 -4.40 13.49
CA SER B 275 11.95 -3.35 12.87
C SER B 275 13.43 -3.60 13.07
N ASP B 276 14.23 -3.28 12.06
CA ASP B 276 15.66 -3.57 12.12
C ASP B 276 16.52 -2.42 11.60
N ARG B 277 17.83 -2.58 11.68
CA ARG B 277 18.73 -1.60 11.12
C ARG B 277 19.70 -2.26 10.13
N GLY B 278 19.12 -2.95 9.15
CA GLY B 278 19.90 -3.60 8.12
C GLY B 278 20.07 -2.70 6.89
N GLY B 279 20.00 -1.39 7.10
CA GLY B 279 20.26 -0.46 6.03
C GLY B 279 19.15 -0.33 5.00
N GLY B 280 18.13 -1.17 5.12
CA GLY B 280 16.95 -0.99 4.30
C GLY B 280 17.14 -1.22 2.82
N VAL B 281 16.06 -1.05 2.09
CA VAL B 281 16.06 -1.19 0.63
C VAL B 281 15.30 0.00 0.08
N PRO B 282 15.72 0.51 -1.07
CA PRO B 282 15.11 1.72 -1.64
C PRO B 282 13.68 1.50 -2.13
N LEU B 283 12.89 2.57 -2.07
CA LEU B 283 11.46 2.47 -2.30
C LEU B 283 11.20 1.81 -3.65
N ARG B 284 12.14 1.96 -4.57
CA ARG B 284 11.98 1.44 -5.92
C ARG B 284 12.08 -0.08 -5.96
N ILE B 285 12.74 -0.65 -4.97
CA ILE B 285 13.05 -2.07 -4.98
C ILE B 285 12.00 -2.90 -4.23
N ILE B 286 11.44 -2.31 -3.17
CA ILE B 286 10.49 -3.01 -2.31
C ILE B 286 9.61 -4.04 -3.02
N ASP B 287 8.88 -3.61 -4.04
CA ASP B 287 8.03 -4.53 -4.79
C ASP B 287 8.75 -5.81 -5.26
N ARG B 288 9.95 -5.66 -5.80
CA ARG B 288 10.70 -6.84 -6.24
C ARG B 288 10.66 -7.88 -5.14
N LEU B 289 10.82 -7.41 -3.91
CA LEU B 289 10.80 -8.27 -2.73
C LEU B 289 9.53 -9.12 -2.69
N PHE B 290 8.47 -8.62 -3.30
CA PHE B 290 7.19 -9.30 -3.22
C PHE B 290 6.87 -10.07 -4.50
N SER B 291 7.78 -10.01 -5.47
CA SER B 291 7.57 -10.66 -6.76
C SER B 291 7.87 -12.16 -6.72
N TYR B 292 7.02 -12.95 -7.37
CA TYR B 292 7.32 -14.36 -7.61
C TYR B 292 8.47 -14.48 -8.62
N TYR B 315 9.79 -15.79 -3.07
CA TYR B 315 8.54 -16.51 -2.90
C TYR B 315 8.09 -16.60 -1.44
N GLY B 316 9.04 -16.78 -0.53
CA GLY B 316 8.72 -16.93 0.89
C GLY B 316 8.05 -15.72 1.49
N LEU B 317 8.38 -14.53 1.00
CA LEU B 317 7.75 -13.30 1.44
C LEU B 317 6.36 -13.12 0.84
N PRO B 318 6.21 -13.36 -0.48
CA PRO B 318 4.91 -13.34 -1.14
C PRO B 318 3.92 -14.29 -0.47
N ILE B 319 4.39 -15.49 -0.17
CA ILE B 319 3.55 -16.53 0.41
C ILE B 319 3.13 -16.10 1.82
N SER B 320 4.06 -15.49 2.54
CA SER B 320 3.83 -15.03 3.90
C SER B 320 2.66 -14.06 3.91
N ARG B 321 2.68 -13.14 2.95
CA ARG B 321 1.67 -12.11 2.84
C ARG B 321 0.35 -12.83 2.62
N LEU B 322 0.38 -13.90 1.84
CA LEU B 322 -0.84 -14.64 1.55
C LEU B 322 -1.45 -15.21 2.82
N TYR B 323 -0.58 -15.66 3.74
CA TYR B 323 -1.07 -16.18 5.02
C TYR B 323 -1.75 -15.07 5.81
N ALA B 324 -1.10 -13.92 5.90
CA ALA B 324 -1.68 -12.80 6.63
C ALA B 324 -3.05 -12.43 6.04
N LYS B 325 -3.14 -12.41 4.73
CA LYS B 325 -4.37 -11.98 4.09
C LYS B 325 -5.41 -13.11 4.05
N TYR B 326 -4.96 -14.34 4.26
CA TYR B 326 -5.88 -15.49 4.21
C TYR B 326 -7.12 -15.27 5.09
N PHE B 327 -6.92 -14.85 6.34
CA PHE B 327 -8.07 -14.53 7.19
C PHE B 327 -8.34 -13.04 7.37
N GLN B 328 -8.17 -12.23 6.32
CA GLN B 328 -8.46 -10.80 6.35
C GLN B 328 -7.40 -9.92 7.03
N GLY B 329 -6.18 -10.45 7.20
CA GLY B 329 -5.10 -9.68 7.81
C GLY B 329 -4.25 -9.05 6.73
N ASP B 330 -3.00 -8.71 6.99
CA ASP B 330 -2.16 -8.19 5.93
C ASP B 330 -0.70 -8.15 6.36
N LEU B 331 0.21 -8.20 5.39
CA LEU B 331 1.63 -8.02 5.66
C LEU B 331 2.15 -6.82 4.84
N ASN B 332 2.84 -5.90 5.51
CA ASN B 332 3.46 -4.76 4.84
C ASN B 332 4.89 -4.47 5.29
N LEU B 333 5.68 -3.95 4.35
CA LEU B 333 7.03 -3.45 4.63
C LEU B 333 7.05 -1.97 4.34
N TYR B 334 7.61 -1.19 5.26
CA TYR B 334 8.00 0.16 4.92
C TYR B 334 9.40 0.44 5.42
N SER B 335 10.31 0.66 4.47
CA SER B 335 11.71 0.72 4.82
C SER B 335 12.28 2.14 4.80
N LEU B 336 13.45 2.29 5.40
CA LEU B 336 14.17 3.56 5.38
C LEU B 336 15.51 3.32 4.72
N SER B 337 15.53 3.36 3.39
CA SER B 337 16.75 3.09 2.66
C SER B 337 17.89 3.90 3.27
N GLY B 338 18.93 3.19 3.69
CA GLY B 338 20.04 3.83 4.37
C GLY B 338 20.02 3.72 5.90
N TYR B 339 19.04 3.01 6.46
CA TYR B 339 19.01 2.88 7.92
C TYR B 339 18.52 1.51 8.36
N GLY B 340 17.21 1.30 8.29
CA GLY B 340 16.63 0.01 8.63
C GLY B 340 15.26 -0.19 7.99
N THR B 341 14.51 -1.17 8.47
CA THR B 341 13.26 -1.56 7.83
C THR B 341 12.18 -1.93 8.84
N ASP B 342 10.94 -1.52 8.55
CA ASP B 342 9.79 -1.89 9.36
C ASP B 342 8.87 -2.90 8.65
N ALA B 343 8.74 -4.07 9.26
CA ALA B 343 7.78 -5.07 8.81
C ALA B 343 6.63 -5.12 9.80
N ILE B 344 5.41 -5.11 9.30
CA ILE B 344 4.30 -5.13 10.22
C ILE B 344 3.22 -6.11 9.76
N ILE B 345 2.73 -6.91 10.73
CA ILE B 345 1.71 -7.92 10.51
C ILE B 345 0.39 -7.45 11.09
N TYR B 346 -0.68 -7.63 10.33
CA TYR B 346 -2.04 -7.35 10.82
C TYR B 346 -2.89 -8.61 10.85
N LEU B 347 -3.41 -8.93 12.03
CA LEU B 347 -4.37 -10.00 12.14
C LEU B 347 -5.67 -9.47 12.76
N LYS B 348 -6.78 -10.06 12.35
CA LYS B 348 -8.06 -9.76 13.00
C LYS B 348 -8.14 -10.41 14.39
N ALA B 349 -8.56 -9.63 15.38
CA ALA B 349 -8.53 -10.05 16.78
C ALA B 349 -9.79 -10.82 17.18
N LEU B 350 -10.83 -10.67 16.38
CA LEU B 350 -12.09 -11.34 16.63
C LEU B 350 -12.25 -12.48 15.62
N SER B 351 -12.66 -13.65 16.12
CA SER B 351 -12.83 -14.85 15.29
C SER B 351 -13.92 -14.72 14.20
N SER B 352 -14.94 -13.92 14.45
CA SER B 352 -16.05 -13.84 13.53
C SER B 352 -15.66 -13.00 12.32
N GLU B 353 -14.69 -12.12 12.52
CA GLU B 353 -14.18 -11.27 11.46
C GLU B 353 -13.02 -11.93 10.70
N SER B 354 -12.48 -13.00 11.27
CA SER B 354 -11.42 -13.73 10.60
C SER B 354 -11.99 -14.67 9.56
N ILE B 355 -12.42 -14.09 8.44
CA ILE B 355 -13.06 -14.84 7.38
C ILE B 355 -12.06 -15.15 6.28
N GLU B 356 -12.23 -16.29 5.62
CA GLU B 356 -11.35 -16.69 4.53
C GLU B 356 -11.39 -15.71 3.35
N LYS B 357 -10.21 -15.37 2.83
CA LYS B 357 -10.11 -14.61 1.61
C LYS B 357 -9.77 -15.54 0.44
N LEU B 358 -10.77 -15.82 -0.39
CA LEU B 358 -10.63 -16.80 -1.45
C LEU B 358 -10.76 -16.16 -2.82
N PRO B 359 -9.99 -16.65 -3.79
CA PRO B 359 -10.26 -16.23 -5.18
C PRO B 359 -11.51 -16.89 -5.73
N VAL B 360 -12.23 -16.17 -6.59
CA VAL B 360 -13.33 -16.76 -7.35
C VAL B 360 -13.05 -16.53 -8.83
N PHE B 361 -13.30 -17.52 -9.67
CA PHE B 361 -13.14 -17.34 -11.10
C PHE B 361 -14.45 -16.87 -11.69
N ASN B 362 -14.41 -15.76 -12.42
CA ASN B 362 -15.64 -15.19 -12.94
C ASN B 362 -15.40 -14.10 -13.97
N LYS B 363 -16.51 -13.52 -14.44
CA LYS B 363 -16.48 -12.37 -15.34
C LYS B 363 -15.37 -11.41 -14.89
N SER B 364 -15.43 -11.03 -13.62
CA SER B 364 -14.46 -10.09 -13.06
C SER B 364 -13.02 -10.60 -13.18
N ALA B 365 -12.66 -11.58 -12.35
CA ALA B 365 -11.29 -12.08 -12.31
C ALA B 365 -10.78 -12.36 -13.71
N PHE B 366 -11.67 -12.84 -14.57
CA PHE B 366 -11.34 -13.12 -15.96
C PHE B 366 -10.86 -11.86 -16.67
N LYS B 367 -11.45 -10.71 -16.35
CA LYS B 367 -11.17 -9.45 -17.04
C LYS B 367 -9.78 -8.87 -16.72
N HIS B 368 -8.77 -9.74 -16.74
CA HIS B 368 -7.38 -9.32 -16.57
C HIS B 368 -6.55 -9.72 -17.79
N ASP B 377 -3.50 6.97 -18.42
CA ASP B 377 -4.09 6.92 -17.09
C ASP B 377 -3.35 7.91 -16.18
N TRP B 378 -2.17 7.51 -15.74
CA TRP B 378 -1.18 8.45 -15.22
C TRP B 378 0.00 8.30 -16.16
N CYS B 379 0.86 9.32 -16.22
CA CYS B 379 2.05 9.28 -17.08
C CYS B 379 3.04 8.23 -16.59
N1 P4A C . -5.39 8.00 16.85
N2 P4A C . -4.28 8.13 16.05
C3 P4A C . -4.51 9.07 15.03
C4 P4A C . -5.90 9.57 15.24
C5 P4A C . -6.39 8.86 16.39
C6 P4A C . -3.47 9.48 13.93
C7 P4A C . -6.61 10.65 14.35
C8 P4A C . -7.75 8.92 17.11
C12 P4A C . -6.18 12.05 14.39
C13 P4A C . -6.82 13.04 13.57
C14 P4A C . -7.90 12.67 12.66
C15 P4A C . -8.33 11.28 12.61
C16 P4A C . -7.70 10.29 13.44
C21 P4A C . -2.03 9.64 14.25
C22 P4A C . -1.11 10.04 13.21
C23 P4A C . -1.57 10.28 11.86
C24 P4A C . -2.94 10.12 11.53
C25 P4A C . -3.87 9.73 12.54
O29 P4A C . -0.69 10.67 10.90
O30 P4A C . -1.52 9.43 15.48
O33 P4A C . -8.52 13.64 11.84
C34 P4A C . -7.78 13.81 10.59
N1 P4A D . 17.90 -4.35 3.83
N2 P4A D . 16.70 -4.56 4.49
C3 P4A D . 16.13 -5.77 4.08
C4 P4A D . 17.06 -6.37 3.08
C5 P4A D . 18.14 -5.43 2.96
C6 P4A D . 14.79 -6.34 4.62
C7 P4A D . 16.81 -7.74 2.36
C8 P4A D . 19.41 -5.46 2.10
C12 P4A D . 16.77 -8.99 3.11
C13 P4A D . 16.54 -10.25 2.47
C14 P4A D . 16.32 -10.31 1.03
C15 P4A D . 16.35 -9.08 0.25
C16 P4A D . 16.58 -7.81 0.91
C21 P4A D . 14.50 -6.32 6.06
C22 P4A D . 13.27 -6.86 6.57
C23 P4A D . 12.30 -7.43 5.67
C24 P4A D . 12.55 -7.47 4.26
C25 P4A D . 13.77 -6.93 3.75
O29 P4A D . 11.14 -7.96 6.17
O30 P4A D . 15.38 -5.80 6.95
O33 P4A D . 16.08 -11.55 0.41
C34 P4A D . 17.32 -12.26 0.14
#